data_8BB6
#
_entry.id   8BB6
#
_cell.length_a   58.776
_cell.length_b   65.622
_cell.length_c   82.813
_cell.angle_alpha   89.960
_cell.angle_beta   101.740
_cell.angle_gamma   94.720
#
_symmetry.space_group_name_H-M   'P 1'
#
loop_
_entity.id
_entity.type
_entity.pdbx_description
1 polymer 'Sucrose transport protein SUC1'
2 water water
#
_entity_poly.entity_id   1
_entity_poly.type   'polypeptide(L)'
_entity_poly.pdbx_seq_one_letter_code
;MGGAYETEKPTKDAAALETQSPEDFDQPSPLRKIISVASIAAGVQFGWALQLSLLTPYVQLLGIPHKWSSLIWLCGPVSG
MIVQPIVGFHSDRCRSKFGRRRPFIATGAALVAVAVFLIGYAADFGYKMGDKLEEKVKVRAIGIFALGFWILDVANNTLQ
GPCRAFLADLAAGDAKRTRVANAFFSFFMAVGNVLGYAAGSYTNLHKMFPFTMTKACDIYCANLKTCFFLSITLLLIVTV
TSLWYVNDKQWSPPPRNADDDEKTSSVPLFGEIFGAFKVMKRPMWMLLIVTALNWIAWFPFLLFDTDWMGREVFGGDSDG
NERSKKLYSLGVQSGAMGLMFNSIVLGFMSLGVEWIGRKLGGAKRLWGIVNFILAAGLAMTVLVTKFAEDHRKTAGDLAG
PSASVKAGALSLFAVLGIPLAITFSTPFALASIFSSCSGAGQGLSLGVLNLAIVIPQMIVSLGGGPFDALFGGGNLPAFI
VAAIAAAISGVLALTVLPSPPPDAPKATTMGGFHGLVPR
;
_entity_poly.pdbx_strand_id   A,B
#
# COMPACT_ATOMS: atom_id res chain seq x y z
N ASP A 26 4.74 -26.43 21.59
CA ASP A 26 5.16 -27.10 20.36
C ASP A 26 4.00 -27.21 19.38
N GLN A 27 3.25 -26.12 19.23
CA GLN A 27 2.11 -26.21 18.38
C GLN A 27 1.98 -24.81 17.80
N PRO A 28 2.24 -24.67 16.50
CA PRO A 28 2.64 -23.33 15.95
C PRO A 28 1.49 -22.34 15.87
N SER A 29 1.81 -21.08 16.12
CA SER A 29 0.86 -20.04 15.87
C SER A 29 0.67 -19.87 14.36
N PRO A 30 -0.54 -19.50 13.92
CA PRO A 30 -0.84 -19.51 12.48
C PRO A 30 0.02 -18.50 11.71
N LEU A 31 0.08 -18.74 10.40
CA LEU A 31 0.88 -17.91 9.51
C LEU A 31 0.47 -16.45 9.55
N ARG A 32 -0.82 -16.17 9.80
CA ARG A 32 -1.30 -14.80 9.78
C ARG A 32 -0.57 -13.95 10.82
N LYS A 33 -0.23 -14.55 11.96
CA LYS A 33 0.44 -13.83 13.03
C LYS A 33 1.93 -13.72 12.77
N ILE A 34 2.53 -14.77 12.20
CA ILE A 34 3.95 -14.71 11.88
C ILE A 34 4.22 -13.62 10.85
N ILE A 35 3.36 -13.52 9.85
CA ILE A 35 3.51 -12.47 8.85
C ILE A 35 3.20 -11.09 9.45
N SER A 36 2.24 -11.03 10.38
CA SER A 36 1.99 -9.76 11.05
C SER A 36 3.23 -9.29 11.83
N VAL A 37 3.98 -10.23 12.41
CA VAL A 37 5.19 -9.83 13.12
C VAL A 37 6.31 -9.48 12.13
N ALA A 38 6.38 -10.18 11.00
CA ALA A 38 7.40 -9.86 10.01
C ALA A 38 7.15 -8.52 9.32
N SER A 39 5.92 -8.02 9.35
CA SER A 39 5.61 -6.79 8.64
C SER A 39 6.25 -5.53 9.25
N ILE A 40 6.73 -5.57 10.49
CA ILE A 40 7.35 -4.39 11.07
C ILE A 40 8.68 -4.03 10.38
N ALA A 41 9.30 -4.99 9.67
CA ALA A 41 10.55 -4.71 8.97
C ALA A 41 10.38 -3.61 7.93
N ALA A 42 9.19 -3.49 7.34
CA ALA A 42 8.94 -2.40 6.41
C ALA A 42 9.08 -1.05 7.10
N GLY A 43 8.43 -0.90 8.26
CA GLY A 43 8.50 0.36 8.98
C GLY A 43 9.89 0.65 9.50
N VAL A 44 10.67 -0.39 9.80
CA VAL A 44 12.04 -0.15 10.26
C VAL A 44 12.94 0.26 9.11
N GLN A 45 12.86 -0.46 7.97
CA GLN A 45 13.73 -0.18 6.85
C GLN A 45 13.39 1.14 6.16
N PHE A 46 12.14 1.60 6.27
CA PHE A 46 11.79 2.89 5.69
C PHE A 46 12.66 4.01 6.25
N GLY A 47 12.81 4.04 7.58
CA GLY A 47 13.57 5.09 8.24
C GLY A 47 15.04 5.13 7.90
N TRP A 48 15.60 4.01 7.43
CA TRP A 48 16.98 3.99 6.99
C TRP A 48 17.10 4.32 5.50
N ALA A 49 16.32 3.62 4.66
CA ALA A 49 16.34 3.88 3.23
C ALA A 49 16.07 5.35 2.91
N LEU A 50 15.29 6.02 3.76
CA LEU A 50 15.02 7.45 3.73
C LEU A 50 16.23 8.32 3.40
N GLN A 51 17.35 7.97 4.01
CA GLN A 51 18.55 8.79 4.17
C GLN A 51 19.53 8.73 3.01
N LEU A 52 19.31 7.85 2.04
CA LEU A 52 20.29 7.58 1.00
C LEU A 52 20.66 8.86 0.23
N SER A 53 19.65 9.64 -0.16
CA SER A 53 19.87 10.83 -0.98
C SER A 53 19.60 12.12 -0.21
N LEU A 54 19.37 12.03 1.10
CA LEU A 54 19.10 13.22 1.90
C LEU A 54 20.09 13.45 3.04
N LEU A 55 20.87 12.44 3.43
CA LEU A 55 21.76 12.61 4.57
C LEU A 55 23.04 13.36 4.19
N THR A 56 23.57 13.11 2.99
CA THR A 56 24.79 13.81 2.56
C THR A 56 24.56 15.31 2.41
N PRO A 57 23.49 15.80 1.75
CA PRO A 57 23.27 17.25 1.73
C PRO A 57 23.04 17.84 3.11
N TYR A 58 22.47 17.07 4.04
CA TYR A 58 22.30 17.55 5.40
C TYR A 58 23.65 17.68 6.11
N VAL A 59 24.54 16.72 5.91
CA VAL A 59 25.88 16.80 6.48
C VAL A 59 26.63 17.99 5.88
N GLN A 60 26.41 18.27 4.60
CA GLN A 60 26.99 19.46 3.99
C GLN A 60 26.42 20.73 4.60
N LEU A 61 25.10 20.75 4.84
CA LEU A 61 24.46 21.92 5.42
C LEU A 61 24.95 22.21 6.82
N LEU A 62 25.13 21.16 7.63
CA LEU A 62 25.61 21.34 9.00
C LEU A 62 27.10 21.68 9.03
N GLY A 63 27.85 21.26 8.02
CA GLY A 63 29.28 21.50 8.01
C GLY A 63 30.06 20.61 8.95
N ILE A 64 29.68 19.34 9.05
CA ILE A 64 30.36 18.43 9.98
C ILE A 64 31.72 18.07 9.41
N PRO A 65 32.80 18.24 10.17
CA PRO A 65 34.11 17.74 9.72
C PRO A 65 34.06 16.25 9.44
N HIS A 66 34.60 15.87 8.29
CA HIS A 66 34.61 14.48 7.83
C HIS A 66 35.21 13.49 8.84
N LYS A 67 36.13 13.93 9.69
CA LYS A 67 36.61 13.03 10.76
C LYS A 67 35.51 12.76 11.80
N TRP A 68 34.81 13.81 12.23
CA TRP A 68 33.70 13.61 13.15
C TRP A 68 32.57 12.81 12.49
N SER A 69 32.37 12.97 11.19
CA SER A 69 31.38 12.17 10.48
C SER A 69 31.77 10.70 10.50
N SER A 70 33.06 10.41 10.29
CA SER A 70 33.52 9.02 10.35
C SER A 70 33.27 8.42 11.72
N LEU A 71 33.53 9.19 12.79
CA LEU A 71 33.29 8.67 14.14
C LEU A 71 31.80 8.40 14.37
N ILE A 72 30.95 9.37 14.01
CA ILE A 72 29.50 9.20 14.16
C ILE A 72 29.03 7.96 13.42
N TRP A 73 29.54 7.75 12.20
CA TRP A 73 29.15 6.58 11.43
C TRP A 73 29.63 5.28 12.09
N LEU A 74 30.87 5.29 12.61
CA LEU A 74 31.40 4.07 13.22
C LEU A 74 30.63 3.69 14.48
N CYS A 75 29.99 4.67 15.14
CA CYS A 75 29.15 4.34 16.29
C CYS A 75 28.08 3.30 15.98
N GLY A 76 27.71 3.11 14.72
CA GLY A 76 26.70 2.14 14.35
C GLY A 76 27.08 0.70 14.64
N PRO A 77 28.08 0.18 13.93
CA PRO A 77 28.52 -1.20 14.18
C PRO A 77 29.00 -1.45 15.60
N VAL A 78 29.61 -0.45 16.25
CA VAL A 78 30.03 -0.62 17.64
C VAL A 78 28.82 -0.85 18.54
N SER A 79 27.79 -0.01 18.37
CA SER A 79 26.57 -0.21 19.14
C SER A 79 25.91 -1.53 18.79
N GLY A 80 26.03 -1.99 17.54
CA GLY A 80 25.57 -3.31 17.20
C GLY A 80 26.33 -4.41 17.93
N MET A 81 27.62 -4.20 18.15
CA MET A 81 28.41 -5.16 18.93
C MET A 81 27.93 -5.20 20.37
N ILE A 82 27.63 -4.03 20.94
CA ILE A 82 27.37 -3.97 22.38
C ILE A 82 25.92 -4.36 22.69
N VAL A 83 24.96 -3.74 22.02
CA VAL A 83 23.56 -3.85 22.42
C VAL A 83 23.01 -5.24 22.10
N GLN A 84 23.26 -5.74 20.89
CA GLN A 84 22.61 -6.97 20.41
C GLN A 84 22.72 -8.14 21.37
N PRO A 85 23.91 -8.54 21.86
CA PRO A 85 23.96 -9.70 22.76
C PRO A 85 23.34 -9.43 24.12
N ILE A 86 23.53 -8.25 24.68
CA ILE A 86 22.95 -7.93 25.99
C ILE A 86 21.43 -7.94 25.90
N VAL A 87 20.87 -7.29 24.88
CA VAL A 87 19.42 -7.27 24.70
C VAL A 87 18.89 -8.68 24.45
N GLY A 88 19.60 -9.49 23.67
CA GLY A 88 19.14 -10.86 23.45
C GLY A 88 19.13 -11.68 24.72
N PHE A 89 20.21 -11.59 25.51
CA PHE A 89 20.31 -12.34 26.75
C PHE A 89 19.26 -11.91 27.76
N HIS A 90 18.95 -10.61 27.82
CA HIS A 90 17.93 -10.14 28.75
C HIS A 90 16.53 -10.45 28.26
N SER A 91 16.31 -10.46 26.95
CA SER A 91 14.99 -10.78 26.41
C SER A 91 14.65 -12.25 26.58
N ASP A 92 15.66 -13.13 26.49
CA ASP A 92 15.41 -14.55 26.73
C ASP A 92 14.94 -14.81 28.15
N ARG A 93 15.17 -13.88 29.08
CA ARG A 93 14.77 -14.01 30.48
C ARG A 93 13.84 -12.88 30.92
N CYS A 94 12.92 -12.47 30.04
CA CYS A 94 12.17 -11.24 30.29
C CYS A 94 11.25 -11.38 31.50
N ARG A 95 10.40 -12.42 31.50
CA ARG A 95 9.47 -12.71 32.59
C ARG A 95 8.37 -11.67 32.74
N SER A 96 8.29 -10.71 31.82
CA SER A 96 7.24 -9.70 31.86
C SER A 96 5.89 -10.28 31.43
N LYS A 97 4.81 -9.64 31.91
CA LYS A 97 3.47 -10.06 31.54
C LYS A 97 3.13 -9.75 30.09
N PHE A 98 3.87 -8.81 29.47
CA PHE A 98 3.64 -8.48 28.06
C PHE A 98 4.34 -9.43 27.11
N GLY A 99 5.23 -10.27 27.61
CA GLY A 99 5.92 -11.25 26.80
C GLY A 99 7.43 -11.03 26.81
N ARG A 100 8.12 -11.94 26.13
CA ARG A 100 9.58 -11.88 26.09
C ARG A 100 10.08 -10.90 25.05
N ARG A 101 9.32 -10.65 23.99
CA ARG A 101 9.80 -9.87 22.85
C ARG A 101 9.06 -8.55 22.65
N ARG A 102 7.81 -8.43 23.06
CA ARG A 102 7.02 -7.23 22.80
C ARG A 102 7.54 -5.98 23.51
N PRO A 103 7.97 -6.05 24.78
CA PRO A 103 8.49 -4.83 25.43
C PRO A 103 9.68 -4.24 24.71
N PHE A 104 10.62 -5.08 24.25
CA PHE A 104 11.82 -4.55 23.60
C PHE A 104 11.48 -3.93 22.25
N ILE A 105 10.59 -4.55 21.49
CA ILE A 105 10.17 -4.00 20.20
C ILE A 105 9.47 -2.66 20.40
N ALA A 106 8.57 -2.57 21.38
CA ALA A 106 7.87 -1.32 21.62
C ALA A 106 8.82 -0.21 22.04
N THR A 107 9.75 -0.52 22.95
CA THR A 107 10.72 0.48 23.38
C THR A 107 11.60 0.93 22.21
N GLY A 108 11.99 0.00 21.35
CA GLY A 108 12.79 0.36 20.20
C GLY A 108 12.05 1.30 19.25
N ALA A 109 10.77 1.04 19.01
CA ALA A 109 10.00 1.92 18.13
C ALA A 109 9.82 3.30 18.73
N ALA A 110 9.60 3.38 20.06
CA ALA A 110 9.47 4.68 20.70
C ALA A 110 10.78 5.47 20.60
N LEU A 111 11.91 4.79 20.79
CA LEU A 111 13.19 5.47 20.67
C LEU A 111 13.48 5.86 19.23
N VAL A 112 12.99 5.09 18.26
CA VAL A 112 13.09 5.51 16.86
C VAL A 112 12.36 6.83 16.66
N ALA A 113 11.18 6.97 17.26
CA ALA A 113 10.43 8.22 17.16
C ALA A 113 11.23 9.39 17.74
N VAL A 114 11.81 9.17 18.93
CA VAL A 114 12.58 10.25 19.56
C VAL A 114 13.81 10.61 18.71
N ALA A 115 14.49 9.61 18.15
CA ALA A 115 15.67 9.86 17.34
C ALA A 115 15.33 10.61 16.07
N VAL A 116 14.23 10.24 15.41
CA VAL A 116 13.71 11.03 14.28
C VAL A 116 13.50 12.48 14.68
N PHE A 117 12.79 12.70 15.80
CA PHE A 117 12.50 14.07 16.21
C PHE A 117 13.79 14.86 16.43
N LEU A 118 14.82 14.24 16.99
CA LEU A 118 16.05 14.97 17.27
C LEU A 118 16.91 15.18 16.03
N ILE A 119 16.90 14.23 15.08
CA ILE A 119 17.73 14.36 13.90
C ILE A 119 17.15 15.37 12.92
N GLY A 120 15.83 15.33 12.72
CA GLY A 120 15.23 16.22 11.74
C GLY A 120 15.32 17.69 12.10
N TYR A 121 15.33 18.01 13.39
CA TYR A 121 15.27 19.38 13.87
C TYR A 121 16.61 19.88 14.42
N ALA A 122 17.71 19.23 14.08
CA ALA A 122 19.01 19.61 14.66
C ALA A 122 19.43 21.00 14.21
N ALA A 123 19.31 21.29 12.92
CA ALA A 123 19.73 22.59 12.41
C ALA A 123 18.95 23.74 13.03
N ASP A 124 17.64 23.56 13.23
CA ASP A 124 16.82 24.66 13.74
C ASP A 124 17.11 24.94 15.22
N PHE A 125 17.23 23.90 16.03
CA PHE A 125 17.68 24.08 17.41
C PHE A 125 19.05 24.74 17.45
N GLY A 126 20.02 24.18 16.71
CA GLY A 126 21.35 24.77 16.71
C GLY A 126 21.35 26.25 16.35
N TYR A 127 20.53 26.63 15.37
CA TYR A 127 20.41 28.04 15.01
C TYR A 127 19.82 28.85 16.16
N LYS A 128 18.69 28.40 16.70
CA LYS A 128 18.02 29.14 17.76
C LYS A 128 18.80 29.13 19.07
N MET A 129 19.86 28.32 19.17
CA MET A 129 20.67 28.20 20.37
C MET A 129 22.01 28.92 20.27
N GLY A 130 22.38 29.45 19.11
CA GLY A 130 23.59 30.23 19.01
C GLY A 130 24.40 30.11 17.72
N ASP A 131 24.09 29.13 16.88
CA ASP A 131 24.82 28.94 15.64
C ASP A 131 24.61 30.11 14.69
N LYS A 132 25.66 30.47 13.95
CA LYS A 132 25.58 31.56 12.99
C LYS A 132 25.32 31.02 11.59
N LEU A 133 24.61 31.82 10.79
CA LEU A 133 24.22 31.37 9.45
C LEU A 133 25.42 31.32 8.51
N GLU A 134 26.33 32.29 8.62
CA GLU A 134 27.50 32.37 7.77
C GLU A 134 28.74 31.81 8.47
N GLU A 135 28.57 30.65 9.12
CA GLU A 135 29.65 29.98 9.84
C GLU A 135 29.58 28.52 9.43
N LYS A 136 30.74 27.96 9.04
CA LYS A 136 30.73 26.63 8.43
C LYS A 136 30.34 25.54 9.42
N VAL A 137 31.10 25.39 10.50
CA VAL A 137 30.89 24.29 11.44
C VAL A 137 29.88 24.75 12.48
N LYS A 138 28.66 24.25 12.37
CA LYS A 138 27.56 24.59 13.25
C LYS A 138 27.57 23.61 14.43
N VAL A 139 28.17 24.03 15.54
CA VAL A 139 28.57 23.12 16.61
C VAL A 139 27.35 22.48 17.27
N ARG A 140 26.45 23.32 17.80
CA ARG A 140 25.31 22.82 18.56
C ARG A 140 24.44 21.88 17.73
N ALA A 141 24.26 22.21 16.45
CA ALA A 141 23.50 21.34 15.56
C ALA A 141 24.18 19.99 15.40
N ILE A 142 25.51 19.98 15.33
CA ILE A 142 26.23 18.72 15.20
C ILE A 142 26.05 17.87 16.45
N GLY A 143 26.08 18.51 17.63
CA GLY A 143 25.84 17.76 18.86
C GLY A 143 24.47 17.12 18.90
N ILE A 144 23.43 17.88 18.52
CA ILE A 144 22.08 17.32 18.49
C ILE A 144 21.99 16.18 17.47
N PHE A 145 22.60 16.38 16.31
CA PHE A 145 22.63 15.36 15.26
C PHE A 145 23.22 14.05 15.77
N ALA A 146 24.35 14.14 16.47
CA ALA A 146 25.02 12.94 16.98
C ALA A 146 24.19 12.25 18.05
N LEU A 147 23.62 13.01 18.98
CA LEU A 147 22.74 12.41 19.98
C LEU A 147 21.59 11.66 19.31
N GLY A 148 21.00 12.26 18.27
CA GLY A 148 19.92 11.60 17.55
C GLY A 148 20.34 10.28 16.94
N PHE A 149 21.48 10.26 16.24
CA PHE A 149 21.90 9.00 15.64
C PHE A 149 22.28 7.95 16.68
N TRP A 150 22.83 8.36 17.82
CA TRP A 150 23.13 7.38 18.86
C TRP A 150 21.85 6.73 19.39
N ILE A 151 20.82 7.55 19.63
CA ILE A 151 19.54 6.98 20.04
C ILE A 151 18.99 6.03 18.98
N LEU A 152 19.12 6.41 17.71
CA LEU A 152 18.61 5.57 16.63
C LEU A 152 19.37 4.25 16.54
N ASP A 153 20.70 4.28 16.75
CA ASP A 153 21.48 3.06 16.73
C ASP A 153 21.06 2.12 17.85
N VAL A 154 20.93 2.67 19.07
CA VAL A 154 20.50 1.86 20.20
C VAL A 154 19.11 1.28 19.95
N ALA A 155 18.21 2.08 19.36
CA ALA A 155 16.85 1.61 19.11
C ALA A 155 16.84 0.48 18.08
N ASN A 156 17.58 0.65 16.98
CA ASN A 156 17.64 -0.40 15.97
C ASN A 156 18.17 -1.70 16.54
N ASN A 157 19.22 -1.62 17.37
CA ASN A 157 19.79 -2.85 17.92
C ASN A 157 18.96 -3.43 19.07
N THR A 158 18.15 -2.61 19.73
CA THR A 158 17.17 -3.14 20.68
C THR A 158 16.03 -3.86 19.96
N LEU A 159 15.67 -3.39 18.77
CA LEU A 159 14.52 -3.94 18.08
C LEU A 159 14.85 -5.21 17.31
N GLN A 160 15.99 -5.23 16.59
CA GLN A 160 16.22 -6.28 15.59
C GLN A 160 16.15 -7.68 16.20
N GLY A 161 16.83 -7.91 17.32
CA GLY A 161 16.92 -9.23 17.91
C GLY A 161 15.62 -9.88 18.31
N PRO A 162 14.93 -9.27 19.29
CA PRO A 162 13.67 -9.87 19.79
C PRO A 162 12.63 -10.09 18.71
N CYS A 163 12.68 -9.36 17.60
CA CYS A 163 11.65 -9.51 16.57
C CYS A 163 11.80 -10.83 15.83
N ARG A 164 13.00 -11.14 15.34
CA ARG A 164 13.24 -12.45 14.74
C ARG A 164 13.15 -13.56 15.78
N ALA A 165 13.54 -13.28 17.03
CA ALA A 165 13.33 -14.28 18.08
C ALA A 165 11.86 -14.57 18.30
N PHE A 166 11.00 -13.56 18.13
CA PHE A 166 9.56 -13.74 18.28
C PHE A 166 8.99 -14.54 17.13
N LEU A 167 9.51 -14.31 15.93
CA LEU A 167 9.22 -15.21 14.81
C LEU A 167 9.56 -16.65 15.17
N ALA A 168 10.75 -16.86 15.73
CA ALA A 168 11.17 -18.20 16.11
C ALA A 168 10.25 -18.81 17.17
N ASP A 169 9.79 -17.99 18.11
CA ASP A 169 8.85 -18.48 19.11
C ASP A 169 7.52 -18.89 18.47
N LEU A 170 7.04 -18.08 17.52
CA LEU A 170 5.80 -18.44 16.82
C LEU A 170 5.95 -19.73 16.04
N ALA A 171 7.14 -20.00 15.50
CA ALA A 171 7.33 -21.23 14.73
C ALA A 171 7.27 -22.48 15.61
N ALA A 172 7.72 -22.38 16.86
CA ALA A 172 7.64 -23.46 17.84
C ALA A 172 8.24 -24.77 17.32
N GLY A 173 9.41 -24.67 16.70
CA GLY A 173 10.15 -25.84 16.28
C GLY A 173 9.89 -26.32 14.88
N ASP A 174 9.02 -25.66 14.13
CA ASP A 174 8.75 -26.02 12.74
C ASP A 174 9.79 -25.35 11.85
N ALA A 175 10.68 -26.13 11.26
CA ALA A 175 11.76 -25.57 10.45
C ALA A 175 11.23 -24.83 9.24
N LYS A 176 10.24 -25.42 8.55
CA LYS A 176 9.65 -24.79 7.38
C LYS A 176 8.99 -23.47 7.74
N ARG A 177 8.31 -23.41 8.90
CA ARG A 177 7.68 -22.17 9.33
C ARG A 177 8.72 -21.10 9.62
N THR A 178 9.85 -21.48 10.21
CA THR A 178 10.92 -20.51 10.46
C THR A 178 11.48 -19.97 9.14
N ARG A 179 11.70 -20.86 8.17
CA ARG A 179 12.23 -20.41 6.88
C ARG A 179 11.25 -19.47 6.19
N VAL A 180 9.96 -19.79 6.22
CA VAL A 180 8.95 -18.93 5.62
C VAL A 180 8.91 -17.57 6.32
N ALA A 181 9.01 -17.59 7.66
CA ALA A 181 8.98 -16.36 8.43
C ALA A 181 10.13 -15.44 8.03
N ASN A 182 11.33 -15.99 7.89
CA ASN A 182 12.46 -15.12 7.59
C ASN A 182 12.47 -14.68 6.12
N ALA A 183 11.96 -15.52 5.22
CA ALA A 183 11.77 -15.05 3.84
C ALA A 183 10.82 -13.86 3.80
N PHE A 184 9.72 -13.93 4.56
CA PHE A 184 8.79 -12.80 4.59
C PHE A 184 9.42 -11.57 5.25
N PHE A 185 10.28 -11.78 6.25
CA PHE A 185 11.02 -10.66 6.85
C PHE A 185 11.84 -9.93 5.79
N SER A 186 12.59 -10.68 4.98
CA SER A 186 13.39 -10.04 3.93
C SER A 186 12.49 -9.35 2.90
N PHE A 187 11.34 -9.95 2.59
CA PHE A 187 10.39 -9.33 1.67
C PHE A 187 9.95 -7.96 2.18
N PHE A 188 9.55 -7.88 3.44
CA PHE A 188 9.10 -6.61 3.98
C PHE A 188 10.24 -5.61 4.09
N MET A 189 11.47 -6.08 4.30
CA MET A 189 12.62 -5.19 4.21
C MET A 189 12.70 -4.55 2.83
N ALA A 190 12.51 -5.35 1.77
CA ALA A 190 12.55 -4.79 0.42
C ALA A 190 11.41 -3.80 0.18
N VAL A 191 10.23 -4.09 0.72
CA VAL A 191 9.09 -3.17 0.61
C VAL A 191 9.44 -1.82 1.22
N GLY A 192 9.89 -1.84 2.48
CA GLY A 192 10.30 -0.60 3.12
C GLY A 192 11.40 0.13 2.38
N ASN A 193 12.31 -0.62 1.76
CA ASN A 193 13.38 -0.01 0.98
C ASN A 193 12.83 0.75 -0.22
N VAL A 194 11.94 0.12 -0.98
CA VAL A 194 11.36 0.79 -2.15
C VAL A 194 10.61 2.03 -1.73
N LEU A 195 9.80 1.93 -0.66
CA LEU A 195 9.03 3.10 -0.22
C LEU A 195 9.95 4.24 0.22
N GLY A 196 10.98 3.94 1.01
CA GLY A 196 11.88 4.99 1.47
C GLY A 196 12.73 5.58 0.36
N TYR A 197 13.10 4.76 -0.63
CA TYR A 197 13.86 5.29 -1.76
C TYR A 197 13.00 6.19 -2.63
N ALA A 198 11.71 5.87 -2.77
CA ALA A 198 10.82 6.71 -3.55
C ALA A 198 10.54 8.02 -2.82
N ALA A 199 10.41 7.98 -1.50
CA ALA A 199 10.15 9.21 -0.75
C ALA A 199 11.39 10.10 -0.69
N GLY A 200 12.54 9.52 -0.34
CA GLY A 200 13.75 10.31 -0.16
C GLY A 200 14.27 10.98 -1.41
N SER A 201 13.93 10.45 -2.59
CA SER A 201 14.40 11.00 -3.85
C SER A 201 13.36 11.87 -4.54
N TYR A 202 12.30 12.28 -3.83
CA TYR A 202 11.26 13.12 -4.42
C TYR A 202 11.39 14.53 -3.85
N THR A 203 11.96 15.42 -4.65
CA THR A 203 11.91 16.84 -4.32
C THR A 203 10.47 17.32 -4.40
N ASN A 204 10.20 18.44 -3.73
CA ASN A 204 8.87 19.04 -3.57
C ASN A 204 7.97 18.22 -2.65
N LEU A 205 8.51 17.23 -1.93
CA LEU A 205 7.73 16.57 -0.91
C LEU A 205 7.43 17.51 0.26
N HIS A 206 8.33 18.47 0.49
CA HIS A 206 8.16 19.47 1.53
C HIS A 206 6.88 20.29 1.36
N LYS A 207 6.30 20.28 0.15
CA LYS A 207 5.02 20.95 -0.04
C LYS A 207 3.93 20.40 0.87
N MET A 208 4.10 19.18 1.39
CA MET A 208 3.14 18.64 2.34
C MET A 208 3.03 19.52 3.58
N PHE A 209 4.16 19.95 4.12
CA PHE A 209 4.20 20.83 5.30
C PHE A 209 4.94 22.10 4.94
N PRO A 210 4.22 23.17 4.58
CA PRO A 210 4.90 24.37 4.07
C PRO A 210 5.83 25.05 5.05
N PHE A 211 5.65 24.86 6.36
CA PHE A 211 6.50 25.50 7.35
C PHE A 211 7.73 24.67 7.71
N THR A 212 8.05 23.64 6.92
CA THR A 212 9.28 22.90 7.12
C THR A 212 10.52 23.72 6.75
N MET A 213 10.38 24.72 5.88
CA MET A 213 11.52 25.50 5.42
C MET A 213 11.66 26.74 6.29
N THR A 214 12.82 26.88 6.93
CA THR A 214 13.11 28.01 7.79
C THR A 214 14.39 28.70 7.30
N LYS A 215 14.88 29.65 8.09
CA LYS A 215 16.12 30.35 7.73
C LYS A 215 17.34 29.45 7.85
N ALA A 216 17.27 28.41 8.69
CA ALA A 216 18.39 27.49 8.89
C ALA A 216 18.15 26.11 8.31
N CYS A 217 17.05 25.91 7.58
CA CYS A 217 16.65 24.60 7.08
C CYS A 217 16.50 24.66 5.56
N ASP A 218 17.34 23.90 4.86
CA ASP A 218 17.36 23.86 3.42
C ASP A 218 16.10 23.16 2.89
N ILE A 219 15.98 23.12 1.55
CA ILE A 219 14.90 22.36 0.93
C ILE A 219 15.08 20.87 1.18
N TYR A 220 16.32 20.38 1.09
CA TYR A 220 16.59 18.98 1.41
C TYR A 220 16.34 18.70 2.88
N CYS A 221 16.66 19.66 3.75
CA CYS A 221 16.26 19.58 5.16
C CYS A 221 14.75 19.40 5.31
N ALA A 222 13.98 20.14 4.51
CA ALA A 222 12.52 20.02 4.59
C ALA A 222 12.04 18.68 4.06
N ASN A 223 12.67 18.17 3.00
CA ASN A 223 12.34 16.83 2.52
C ASN A 223 12.67 15.78 3.57
N LEU A 224 13.77 16.01 4.30
CA LEU A 224 14.15 15.10 5.38
C LEU A 224 13.09 15.11 6.49
N LYS A 225 12.59 16.30 6.84
CA LYS A 225 11.55 16.40 7.85
C LYS A 225 10.28 15.67 7.42
N THR A 226 9.86 15.90 6.17
CA THR A 226 8.64 15.24 5.68
C THR A 226 8.81 13.73 5.63
N CYS A 227 9.98 13.27 5.18
CA CYS A 227 10.25 11.83 5.17
C CYS A 227 10.22 11.25 6.56
N PHE A 228 10.71 11.99 7.55
CA PHE A 228 10.69 11.49 8.92
C PHE A 228 9.27 11.44 9.47
N PHE A 229 8.43 12.42 9.11
CA PHE A 229 7.02 12.35 9.47
C PHE A 229 6.37 11.09 8.91
N LEU A 230 6.56 10.85 7.61
CA LEU A 230 6.02 9.64 7.00
C LEU A 230 6.59 8.38 7.64
N SER A 231 7.82 8.44 8.12
CA SER A 231 8.44 7.29 8.78
C SER A 231 7.73 6.99 10.10
N ILE A 232 7.53 8.00 10.95
CA ILE A 232 6.79 7.79 12.19
C ILE A 232 5.40 7.26 11.90
N THR A 233 4.77 7.77 10.85
CA THR A 233 3.42 7.35 10.51
C THR A 233 3.38 5.86 10.17
N LEU A 234 4.18 5.44 9.18
CA LEU A 234 4.23 4.04 8.79
C LEU A 234 4.63 3.14 9.96
N LEU A 235 5.52 3.63 10.84
CA LEU A 235 5.99 2.79 11.93
C LEU A 235 4.89 2.53 12.95
N LEU A 236 4.18 3.59 13.36
CA LEU A 236 3.00 3.40 14.19
C LEU A 236 2.03 2.42 13.55
N ILE A 237 1.71 2.65 12.27
CA ILE A 237 0.72 1.81 11.58
C ILE A 237 1.10 0.33 11.68
N VAL A 238 2.33 -0.01 11.27
CA VAL A 238 2.71 -1.42 11.24
C VAL A 238 3.05 -1.98 12.62
N THR A 239 3.29 -1.14 13.63
CA THR A 239 3.74 -1.64 14.93
C THR A 239 2.61 -1.82 15.93
N VAL A 240 1.73 -0.82 16.10
CA VAL A 240 0.62 -0.97 17.05
C VAL A 240 -0.25 -2.17 16.68
N THR A 241 -0.61 -2.27 15.40
CA THR A 241 -1.46 -3.38 14.96
C THR A 241 -0.75 -4.71 15.17
N SER A 242 0.56 -4.76 14.92
CA SER A 242 1.28 -6.02 15.05
C SER A 242 1.37 -6.45 16.51
N LEU A 243 1.54 -5.50 17.44
CA LEU A 243 1.76 -5.86 18.84
C LEU A 243 0.47 -6.08 19.63
N TRP A 244 -0.63 -5.41 19.28
CA TRP A 244 -1.95 -5.87 19.72
C TRP A 244 -2.38 -7.18 19.08
N TYR A 245 -2.12 -7.40 17.79
CA TYR A 245 -2.71 -8.53 17.09
C TYR A 245 -2.11 -9.86 17.54
N VAL A 246 -0.84 -9.89 17.92
CA VAL A 246 -0.13 -11.13 18.21
C VAL A 246 0.15 -11.17 19.71
N ASN A 247 -0.26 -12.26 20.36
CA ASN A 247 -0.04 -12.42 21.78
C ASN A 247 1.39 -12.92 22.03
N ASP A 248 2.01 -12.39 23.07
CA ASP A 248 3.36 -12.79 23.47
C ASP A 248 3.26 -13.47 24.82
N LYS A 249 3.75 -14.70 24.87
CA LYS A 249 3.40 -15.66 25.92
C LYS A 249 4.28 -15.43 27.14
N GLN A 250 3.67 -15.11 28.29
CA GLN A 250 4.45 -14.73 29.46
C GLN A 250 5.34 -15.88 29.92
N TRP A 251 6.64 -15.62 29.94
CA TRP A 251 7.62 -16.65 30.23
C TRP A 251 7.71 -16.94 31.72
N SER A 252 7.96 -18.20 32.05
CA SER A 252 8.16 -18.65 33.43
C SER A 252 9.55 -19.27 33.56
N PRO A 253 10.42 -18.77 34.42
CA PRO A 253 11.73 -19.39 34.61
C PRO A 253 11.62 -20.64 35.45
N PRO A 254 12.48 -21.64 35.21
CA PRO A 254 12.46 -22.86 36.02
C PRO A 254 13.10 -22.61 37.38
N PRO A 255 12.65 -23.30 38.42
CA PRO A 255 13.28 -23.14 39.74
C PRO A 255 14.75 -23.53 39.73
N ARG A 256 15.53 -22.84 40.56
CA ARG A 256 16.97 -22.98 40.60
C ARG A 256 17.44 -23.18 42.04
N ASN A 257 18.66 -23.69 42.19
CA ASN A 257 19.25 -23.74 43.52
C ASN A 257 19.97 -22.43 43.82
N ALA A 258 20.54 -22.34 45.02
CA ALA A 258 21.39 -21.21 45.36
C ALA A 258 22.78 -21.32 44.75
N ASP A 259 23.18 -22.53 44.34
CA ASP A 259 24.53 -22.80 43.88
C ASP A 259 24.61 -22.91 42.35
N ASP A 260 23.73 -22.22 41.64
CA ASP A 260 23.65 -22.31 40.20
C ASP A 260 24.40 -21.16 39.53
N ASP A 261 24.84 -21.39 38.30
CA ASP A 261 25.53 -20.36 37.54
C ASP A 261 24.58 -19.29 37.02
N GLU A 262 23.29 -19.61 36.89
CA GLU A 262 22.35 -18.69 36.26
C GLU A 262 21.99 -17.51 37.15
N LYS A 263 22.09 -17.67 38.47
CA LYS A 263 21.95 -16.59 39.43
C LYS A 263 23.32 -16.09 39.90
N THR A 264 24.28 -16.05 38.99
CA THR A 264 25.64 -15.64 39.29
C THR A 264 26.13 -14.61 38.28
N SER A 265 26.66 -13.49 38.77
CA SER A 265 26.99 -12.37 37.91
C SER A 265 28.25 -12.66 37.11
N SER A 266 28.35 -12.01 35.96
CA SER A 266 29.49 -12.22 35.08
C SER A 266 30.16 -10.94 34.57
N VAL A 267 31.04 -11.09 33.58
CA VAL A 267 31.64 -9.95 32.90
C VAL A 267 30.53 -9.14 32.23
N PRO A 268 30.54 -7.81 32.31
CA PRO A 268 29.41 -7.02 31.78
C PRO A 268 29.02 -7.28 30.33
N LEU A 269 29.94 -7.09 29.38
CA LEU A 269 29.58 -7.27 27.98
C LEU A 269 30.03 -8.62 27.43
N PHE A 270 31.31 -8.97 27.60
CA PHE A 270 31.80 -10.22 27.06
C PHE A 270 31.29 -11.45 27.82
N GLY A 271 30.50 -11.25 28.87
CA GLY A 271 29.93 -12.40 29.55
C GLY A 271 28.89 -13.11 28.70
N GLU A 272 27.99 -12.34 28.09
CA GLU A 272 26.97 -12.95 27.25
C GLU A 272 27.58 -13.53 25.99
N ILE A 273 28.57 -12.84 25.42
CA ILE A 273 29.17 -13.28 24.17
C ILE A 273 29.96 -14.56 24.38
N PHE A 274 30.83 -14.58 25.40
CA PHE A 274 31.64 -15.78 25.63
C PHE A 274 30.79 -16.93 26.14
N GLY A 275 29.74 -16.66 26.93
CA GLY A 275 28.84 -17.72 27.33
C GLY A 275 28.12 -18.33 26.14
N ALA A 276 27.72 -17.49 25.18
CA ALA A 276 27.17 -17.99 23.93
C ALA A 276 28.19 -18.85 23.20
N PHE A 277 29.45 -18.40 23.18
CA PHE A 277 30.47 -19.12 22.43
C PHE A 277 30.85 -20.45 23.03
N LYS A 278 30.66 -20.65 24.35
CA LYS A 278 31.11 -21.89 24.95
C LYS A 278 30.02 -22.95 25.12
N VAL A 279 28.74 -22.55 25.20
CA VAL A 279 27.66 -23.52 25.04
C VAL A 279 27.43 -23.88 23.59
N MET A 280 28.25 -23.37 22.69
CA MET A 280 28.03 -23.50 21.26
C MET A 280 28.43 -24.88 20.75
N LYS A 281 27.86 -25.19 19.59
CA LYS A 281 27.81 -26.44 18.85
C LYS A 281 28.77 -26.37 17.65
N ARG A 282 28.95 -27.49 16.94
CA ARG A 282 29.63 -27.44 15.64
C ARG A 282 28.84 -26.65 14.61
N PRO A 283 27.53 -26.90 14.39
CA PRO A 283 26.81 -26.15 13.33
C PRO A 283 26.83 -24.65 13.51
N MET A 284 26.76 -24.15 14.76
CA MET A 284 26.71 -22.70 14.95
C MET A 284 28.05 -22.05 14.60
N TRP A 285 29.16 -22.67 15.00
CA TRP A 285 30.48 -22.21 14.56
C TRP A 285 30.57 -22.16 13.04
N MET A 286 30.14 -23.23 12.36
CA MET A 286 30.27 -23.25 10.92
C MET A 286 29.37 -22.21 10.26
N LEU A 287 28.17 -22.01 10.81
CA LEU A 287 27.26 -20.99 10.30
C LEU A 287 27.85 -19.59 10.47
N LEU A 288 28.43 -19.31 11.64
CA LEU A 288 29.05 -18.00 11.84
C LEU A 288 30.20 -17.76 10.88
N ILE A 289 31.04 -18.77 10.63
CA ILE A 289 32.12 -18.60 9.66
C ILE A 289 31.57 -18.29 8.28
N VAL A 290 30.58 -19.06 7.83
CA VAL A 290 30.04 -18.82 6.49
C VAL A 290 29.42 -17.44 6.40
N THR A 291 28.72 -17.01 7.46
CA THR A 291 28.07 -15.69 7.42
C THR A 291 29.09 -14.56 7.46
N ALA A 292 30.15 -14.72 8.26
CA ALA A 292 31.20 -13.70 8.31
C ALA A 292 31.86 -13.53 6.95
N LEU A 293 32.17 -14.64 6.27
CA LEU A 293 32.74 -14.52 4.93
C LEU A 293 31.72 -13.94 3.95
N ASN A 294 30.43 -14.26 4.13
CA ASN A 294 29.40 -13.69 3.26
C ASN A 294 29.38 -12.17 3.35
N TRP A 295 29.43 -11.64 4.58
CA TRP A 295 29.37 -10.19 4.71
C TRP A 295 30.70 -9.52 4.38
N ILE A 296 31.84 -10.22 4.55
CA ILE A 296 33.10 -9.68 4.04
C ILE A 296 33.04 -9.57 2.53
N ALA A 297 32.25 -10.42 1.88
CA ALA A 297 32.08 -10.27 0.43
C ALA A 297 31.12 -9.12 0.12
N TRP A 298 30.04 -8.98 0.88
CA TRP A 298 29.00 -8.01 0.52
C TRP A 298 29.45 -6.56 0.78
N PHE A 299 30.05 -6.30 1.95
CA PHE A 299 30.24 -4.90 2.35
C PHE A 299 31.12 -4.04 1.45
N PRO A 300 32.15 -4.57 0.75
CA PRO A 300 32.87 -3.68 -0.19
C PRO A 300 31.95 -3.00 -1.19
N PHE A 301 31.12 -3.78 -1.89
CA PHE A 301 30.19 -3.18 -2.84
C PHE A 301 29.17 -2.28 -2.13
N LEU A 302 28.52 -2.82 -1.09
CA LEU A 302 27.47 -2.06 -0.41
C LEU A 302 27.98 -0.75 0.18
N LEU A 303 29.29 -0.63 0.41
CA LEU A 303 29.85 0.60 0.96
C LEU A 303 30.42 1.53 -0.11
N PHE A 304 31.02 1.00 -1.19
CA PHE A 304 31.69 1.85 -2.17
C PHE A 304 31.03 1.84 -3.54
N ASP A 305 29.78 1.37 -3.65
CA ASP A 305 29.16 1.27 -4.97
C ASP A 305 28.86 2.65 -5.56
N THR A 306 28.32 3.57 -4.75
CA THR A 306 27.99 4.88 -5.27
C THR A 306 29.25 5.66 -5.65
N ASP A 307 30.35 5.47 -4.91
CA ASP A 307 31.61 6.09 -5.30
C ASP A 307 32.16 5.47 -6.57
N TRP A 308 32.05 4.15 -6.71
CA TRP A 308 32.44 3.49 -7.95
C TRP A 308 31.67 4.07 -9.12
N MET A 309 30.36 4.27 -8.95
CA MET A 309 29.54 4.82 -10.02
C MET A 309 29.91 6.26 -10.34
N GLY A 310 30.14 7.08 -9.31
CA GLY A 310 30.47 8.48 -9.53
C GLY A 310 31.87 8.72 -10.05
N ARG A 311 32.78 7.75 -9.86
CA ARG A 311 34.18 7.90 -10.21
C ARG A 311 34.54 7.04 -11.41
N GLU A 312 34.61 5.71 -11.23
CA GLU A 312 35.10 4.84 -12.29
C GLU A 312 34.18 4.88 -13.52
N VAL A 313 32.87 4.99 -13.29
CA VAL A 313 31.89 4.68 -14.33
C VAL A 313 31.43 5.95 -15.05
N PHE A 314 31.19 7.02 -14.30
CA PHE A 314 30.77 8.30 -14.85
C PHE A 314 31.93 9.25 -15.12
N GLY A 315 33.05 9.08 -14.43
CA GLY A 315 34.12 10.06 -14.43
C GLY A 315 33.89 11.16 -13.39
N GLY A 316 34.97 11.88 -13.09
CA GLY A 316 34.87 13.00 -12.17
C GLY A 316 35.17 12.61 -10.73
N ASP A 317 35.46 13.64 -9.94
CA ASP A 317 35.81 13.54 -8.52
C ASP A 317 35.05 14.61 -7.75
N SER A 318 34.80 14.38 -6.45
CA SER A 318 34.18 15.41 -5.62
C SER A 318 35.04 16.67 -5.55
N ASP A 319 36.33 16.50 -5.79
CA ASP A 319 37.31 17.57 -5.91
C ASP A 319 37.66 17.76 -7.38
N GLY A 320 38.25 18.90 -7.71
CA GLY A 320 38.50 19.22 -9.10
C GLY A 320 37.47 20.19 -9.68
N ASN A 321 37.53 20.35 -11.01
CA ASN A 321 36.74 21.33 -11.73
C ASN A 321 35.23 21.06 -11.58
N GLU A 322 34.42 22.05 -11.97
CA GLU A 322 32.99 22.01 -11.67
C GLU A 322 32.26 20.91 -12.46
N ARG A 323 32.76 20.56 -13.66
CA ARG A 323 32.13 19.51 -14.42
C ARG A 323 32.32 18.18 -13.74
N SER A 324 33.52 17.95 -13.21
CA SER A 324 33.82 16.65 -12.59
C SER A 324 33.00 16.46 -11.31
N LYS A 325 32.79 17.53 -10.55
CA LYS A 325 31.91 17.46 -9.40
C LYS A 325 30.48 17.19 -9.84
N LYS A 326 30.04 17.84 -10.93
CA LYS A 326 28.70 17.57 -11.46
C LYS A 326 28.55 16.12 -11.89
N LEU A 327 29.56 15.58 -12.56
CA LEU A 327 29.51 14.19 -13.02
C LEU A 327 29.54 13.20 -11.86
N TYR A 328 30.26 13.54 -10.79
CA TYR A 328 30.24 12.69 -9.59
C TYR A 328 28.84 12.65 -8.98
N SER A 329 28.21 13.82 -8.85
CA SER A 329 26.83 13.86 -8.34
C SER A 329 25.89 13.03 -9.23
N LEU A 330 26.04 13.16 -10.55
CA LEU A 330 25.20 12.39 -11.47
C LEU A 330 25.39 10.90 -11.28
N GLY A 331 26.65 10.46 -11.15
CA GLY A 331 26.92 9.05 -10.93
C GLY A 331 26.31 8.53 -9.64
N VAL A 332 26.35 9.34 -8.58
CA VAL A 332 25.75 8.91 -7.31
C VAL A 332 24.24 8.77 -7.45
N GLN A 333 23.59 9.71 -8.14
CA GLN A 333 22.16 9.59 -8.38
C GLN A 333 21.82 8.30 -9.14
N SER A 334 22.57 8.02 -10.21
CA SER A 334 22.33 6.80 -10.96
C SER A 334 22.57 5.56 -10.11
N GLY A 335 23.50 5.63 -9.16
CA GLY A 335 23.69 4.52 -8.24
C GLY A 335 22.52 4.32 -7.31
N ALA A 336 21.89 5.41 -6.88
CA ALA A 336 20.68 5.28 -6.07
C ALA A 336 19.57 4.59 -6.85
N MET A 337 19.47 4.90 -8.15
CA MET A 337 18.48 4.19 -8.97
C MET A 337 18.83 2.71 -9.12
N GLY A 338 20.12 2.39 -9.23
CA GLY A 338 20.54 1.00 -9.21
C GLY A 338 20.10 0.28 -7.96
N LEU A 339 20.27 0.92 -6.80
CA LEU A 339 19.83 0.31 -5.54
C LEU A 339 18.31 0.13 -5.50
N MET A 340 17.56 1.06 -6.12
CA MET A 340 16.11 0.88 -6.22
C MET A 340 15.77 -0.41 -6.97
N PHE A 341 16.36 -0.57 -8.16
CA PHE A 341 16.17 -1.83 -8.91
C PHE A 341 16.54 -3.03 -8.07
N ASN A 342 17.64 -2.92 -7.32
CA ASN A 342 18.11 -4.02 -6.49
C ASN A 342 17.07 -4.42 -5.46
N SER A 343 16.45 -3.43 -4.81
CA SER A 343 15.44 -3.74 -3.80
C SER A 343 14.20 -4.36 -4.42
N ILE A 344 13.81 -3.92 -5.61
CA ILE A 344 12.66 -4.55 -6.28
C ILE A 344 12.95 -6.03 -6.55
N VAL A 345 14.13 -6.33 -7.09
CA VAL A 345 14.50 -7.71 -7.36
C VAL A 345 14.58 -8.52 -6.07
N LEU A 346 15.09 -7.89 -5.00
CA LEU A 346 15.14 -8.52 -3.68
C LEU A 346 13.75 -8.95 -3.22
N GLY A 347 12.80 -8.02 -3.29
CA GLY A 347 11.44 -8.33 -2.88
C GLY A 347 10.85 -9.48 -3.68
N PHE A 348 11.08 -9.48 -5.00
CA PHE A 348 10.51 -10.56 -5.80
C PHE A 348 11.16 -11.92 -5.52
N MET A 349 12.46 -11.95 -5.22
CA MET A 349 13.12 -13.22 -4.93
C MET A 349 12.75 -13.76 -3.53
N SER A 350 12.48 -12.86 -2.59
CA SER A 350 12.14 -13.28 -1.23
C SER A 350 10.91 -14.17 -1.21
N LEU A 351 9.97 -13.96 -2.14
CA LEU A 351 8.74 -14.74 -2.17
C LEU A 351 8.94 -16.16 -2.68
N GLY A 352 10.09 -16.48 -3.27
CA GLY A 352 10.32 -17.80 -3.79
C GLY A 352 11.50 -18.51 -3.15
N VAL A 353 12.15 -17.83 -2.20
CA VAL A 353 13.31 -18.40 -1.53
C VAL A 353 13.03 -19.84 -1.06
N GLU A 354 11.98 -20.03 -0.25
CA GLU A 354 11.76 -21.34 0.38
C GLU A 354 11.41 -22.42 -0.64
N TRP A 355 10.56 -22.12 -1.61
CA TRP A 355 10.20 -23.16 -2.57
C TRP A 355 11.40 -23.56 -3.42
N ILE A 356 12.18 -22.58 -3.89
CA ILE A 356 13.37 -22.88 -4.68
C ILE A 356 14.37 -23.69 -3.86
N GLY A 357 14.60 -23.29 -2.61
CA GLY A 357 15.50 -24.06 -1.76
C GLY A 357 15.03 -25.49 -1.53
N ARG A 358 13.73 -25.67 -1.31
CA ARG A 358 13.19 -27.01 -1.08
C ARG A 358 13.40 -27.89 -2.30
N LYS A 359 12.96 -27.45 -3.47
CA LYS A 359 13.12 -28.28 -4.67
C LYS A 359 14.59 -28.54 -5.01
N LEU A 360 15.52 -27.67 -4.61
CA LEU A 360 16.93 -27.92 -4.84
C LEU A 360 17.53 -28.88 -3.82
N GLY A 361 16.78 -29.28 -2.80
CA GLY A 361 17.28 -30.23 -1.82
C GLY A 361 17.89 -29.64 -0.57
N GLY A 362 17.62 -28.38 -0.27
CA GLY A 362 18.12 -27.75 0.94
C GLY A 362 18.38 -26.28 0.74
N ALA A 363 18.22 -25.52 1.83
CA ALA A 363 18.42 -24.07 1.76
C ALA A 363 19.88 -23.72 1.55
N LYS A 364 20.80 -24.44 2.19
CA LYS A 364 22.22 -24.16 2.03
C LYS A 364 22.69 -24.43 0.61
N ARG A 365 22.02 -25.34 -0.10
CA ARG A 365 22.33 -25.54 -1.52
C ARG A 365 22.08 -24.25 -2.31
N LEU A 366 20.91 -23.64 -2.10
CA LEU A 366 20.61 -22.39 -2.78
C LEU A 366 21.56 -21.29 -2.35
N TRP A 367 21.93 -21.27 -1.07
CA TRP A 367 22.92 -20.31 -0.58
C TRP A 367 24.23 -20.43 -1.36
N GLY A 368 24.77 -21.65 -1.42
CA GLY A 368 25.99 -21.88 -2.17
C GLY A 368 25.87 -21.49 -3.63
N ILE A 369 24.72 -21.78 -4.24
CA ILE A 369 24.57 -21.50 -5.66
C ILE A 369 24.53 -19.98 -5.91
N VAL A 370 23.79 -19.23 -5.09
CA VAL A 370 23.70 -17.80 -5.32
C VAL A 370 24.99 -17.07 -4.95
N ASN A 371 25.82 -17.66 -4.08
CA ASN A 371 27.08 -17.00 -3.77
C ASN A 371 28.00 -16.92 -4.98
N PHE A 372 27.91 -17.90 -5.90
CA PHE A 372 28.71 -17.82 -7.11
C PHE A 372 28.15 -16.77 -8.07
N ILE A 373 26.83 -16.55 -8.06
CA ILE A 373 26.26 -15.42 -8.78
C ILE A 373 26.82 -14.13 -8.25
N LEU A 374 26.91 -14.01 -6.92
CA LEU A 374 27.52 -12.82 -6.32
C LEU A 374 28.96 -12.64 -6.76
N ALA A 375 29.72 -13.74 -6.81
CA ALA A 375 31.11 -13.68 -7.24
C ALA A 375 31.23 -13.17 -8.68
N ALA A 376 30.44 -13.75 -9.59
CA ALA A 376 30.48 -13.32 -10.98
C ALA A 376 30.04 -11.87 -11.14
N GLY A 377 29.04 -11.45 -10.36
CA GLY A 377 28.59 -10.07 -10.43
C GLY A 377 29.65 -9.09 -9.94
N LEU A 378 30.37 -9.46 -8.88
CA LEU A 378 31.47 -8.61 -8.44
C LEU A 378 32.62 -8.61 -9.44
N ALA A 379 32.74 -9.67 -10.24
CA ALA A 379 33.77 -9.69 -11.29
C ALA A 379 33.39 -8.81 -12.48
N MET A 380 32.10 -8.72 -12.80
CA MET A 380 31.65 -7.93 -13.96
C MET A 380 31.98 -6.44 -13.84
N THR A 381 32.23 -5.97 -12.62
CA THR A 381 32.58 -4.58 -12.37
C THR A 381 33.74 -4.12 -13.23
N VAL A 382 34.75 -4.98 -13.39
CA VAL A 382 35.95 -4.63 -14.14
C VAL A 382 35.60 -4.38 -15.61
N LEU A 383 34.75 -5.22 -16.18
CA LEU A 383 34.37 -5.05 -17.58
C LEU A 383 33.56 -3.77 -17.77
N VAL A 384 32.65 -3.47 -16.83
CA VAL A 384 31.92 -2.21 -16.90
C VAL A 384 32.88 -1.02 -16.89
N THR A 385 33.87 -1.06 -15.99
CA THR A 385 34.84 0.03 -15.92
C THR A 385 35.63 0.17 -17.21
N LYS A 386 35.99 -0.96 -17.84
CA LYS A 386 36.71 -0.91 -19.11
C LYS A 386 35.87 -0.27 -20.19
N PHE A 387 34.58 -0.62 -20.25
CA PHE A 387 33.72 -0.02 -21.26
C PHE A 387 33.62 1.48 -21.05
N ALA A 388 33.59 1.92 -19.78
CA ALA A 388 33.46 3.34 -19.53
C ALA A 388 34.72 4.13 -19.92
N GLU A 389 35.91 3.63 -19.58
CA GLU A 389 37.13 4.25 -20.10
C GLU A 389 37.20 4.26 -21.63
N ASP A 390 36.78 3.17 -22.28
CA ASP A 390 36.83 3.17 -23.74
C ASP A 390 35.97 4.29 -24.32
N HIS A 391 34.73 4.41 -23.82
CA HIS A 391 33.88 5.50 -24.29
C HIS A 391 34.49 6.86 -23.95
N ARG A 392 35.05 6.99 -22.74
CA ARG A 392 35.65 8.26 -22.35
C ARG A 392 36.85 8.62 -23.23
N LYS A 393 37.54 7.62 -23.77
CA LYS A 393 38.63 7.89 -24.70
C LYS A 393 38.10 8.34 -26.06
N THR A 394 36.99 7.76 -26.50
CA THR A 394 36.53 8.17 -27.83
C THR A 394 35.79 9.51 -27.80
N ALA A 395 34.99 9.77 -26.76
CA ALA A 395 34.14 10.96 -26.74
C ALA A 395 34.64 12.08 -25.84
N GLY A 396 35.66 11.84 -25.03
CA GLY A 396 36.17 12.87 -24.12
C GLY A 396 36.11 12.48 -22.66
N ASP A 397 37.08 12.98 -21.87
CA ASP A 397 37.18 12.56 -20.48
C ASP A 397 36.01 13.06 -19.63
N LEU A 398 35.40 14.17 -19.99
CA LEU A 398 34.29 14.74 -19.24
C LEU A 398 33.01 14.72 -20.06
N ALA A 399 32.83 13.68 -20.87
CA ALA A 399 31.64 13.53 -21.69
C ALA A 399 30.54 12.73 -21.01
N GLY A 400 30.81 12.14 -19.86
CA GLY A 400 29.86 11.28 -19.18
C GLY A 400 29.73 9.94 -19.86
N PRO A 401 28.89 9.06 -19.32
CA PRO A 401 28.73 7.73 -19.89
C PRO A 401 27.74 7.72 -21.05
N SER A 402 27.83 6.65 -21.84
CA SER A 402 26.84 6.36 -22.87
C SER A 402 25.68 5.57 -22.28
N ALA A 403 24.64 5.39 -23.08
CA ALA A 403 23.47 4.63 -22.62
C ALA A 403 23.84 3.19 -22.34
N SER A 404 24.81 2.64 -23.07
CA SER A 404 25.19 1.24 -22.88
C SER A 404 25.85 1.03 -21.51
N VAL A 405 26.77 1.93 -21.13
CA VAL A 405 27.45 1.80 -19.84
C VAL A 405 26.47 1.94 -18.70
N LYS A 406 25.57 2.93 -18.79
CA LYS A 406 24.50 3.08 -17.81
C LYS A 406 23.68 1.80 -17.68
N ALA A 407 23.21 1.28 -18.81
CA ALA A 407 22.37 0.08 -18.80
C ALA A 407 23.11 -1.10 -18.17
N GLY A 408 24.40 -1.24 -18.47
CA GLY A 408 25.16 -2.35 -17.92
C GLY A 408 25.33 -2.25 -16.41
N ALA A 409 25.68 -1.06 -15.92
CA ALA A 409 25.82 -0.88 -14.48
C ALA A 409 24.50 -1.15 -13.76
N LEU A 410 23.39 -0.64 -14.33
CA LEU A 410 22.10 -0.87 -13.68
C LEU A 410 21.67 -2.33 -13.77
N SER A 411 22.07 -3.03 -14.82
CA SER A 411 21.79 -4.47 -14.89
C SER A 411 22.56 -5.23 -13.83
N LEU A 412 23.80 -4.83 -13.56
CA LEU A 412 24.56 -5.45 -12.49
C LEU A 412 23.87 -5.22 -11.14
N PHE A 413 23.47 -3.97 -10.88
CA PHE A 413 22.73 -3.66 -9.66
C PHE A 413 21.48 -4.52 -9.54
N ALA A 414 20.76 -4.72 -10.66
CA ALA A 414 19.54 -5.51 -10.64
C ALA A 414 19.82 -6.97 -10.32
N VAL A 415 20.76 -7.57 -11.06
CA VAL A 415 21.04 -9.00 -10.89
C VAL A 415 21.51 -9.30 -9.48
N LEU A 416 22.29 -8.40 -8.87
CA LEU A 416 22.79 -8.67 -7.53
C LEU A 416 21.69 -8.81 -6.47
N GLY A 417 20.42 -8.55 -6.82
CA GLY A 417 19.34 -8.70 -5.87
C GLY A 417 19.00 -10.12 -5.50
N ILE A 418 19.45 -11.10 -6.29
CA ILE A 418 19.13 -12.50 -6.04
C ILE A 418 19.88 -13.03 -4.82
N PRO A 419 21.21 -12.94 -4.74
CA PRO A 419 21.90 -13.49 -3.55
C PRO A 419 21.57 -12.73 -2.27
N LEU A 420 21.23 -11.43 -2.37
CA LEU A 420 20.93 -10.64 -1.19
C LEU A 420 19.65 -11.13 -0.50
N ALA A 421 18.73 -11.72 -1.26
CA ALA A 421 17.51 -12.23 -0.65
C ALA A 421 17.79 -13.43 0.25
N ILE A 422 18.69 -14.32 -0.18
CA ILE A 422 19.12 -15.42 0.67
C ILE A 422 19.90 -14.90 1.87
N THR A 423 20.84 -13.97 1.63
CA THR A 423 21.61 -13.43 2.73
C THR A 423 20.72 -12.81 3.81
N PHE A 424 19.58 -12.23 3.41
CA PHE A 424 18.67 -11.59 4.35
C PHE A 424 17.70 -12.57 5.01
N SER A 425 17.78 -13.87 4.71
CA SER A 425 16.80 -14.81 5.24
C SER A 425 17.46 -16.06 5.81
N THR A 426 18.16 -16.82 4.96
CA THR A 426 18.65 -18.15 5.32
C THR A 426 19.51 -18.19 6.58
N PRO A 427 20.52 -17.33 6.78
CA PRO A 427 21.38 -17.48 7.96
C PRO A 427 20.62 -17.35 9.28
N PHE A 428 19.70 -16.39 9.38
CA PHE A 428 18.93 -16.23 10.62
C PHE A 428 18.03 -17.43 10.86
N ALA A 429 17.41 -17.96 9.79
CA ALA A 429 16.57 -19.14 9.95
C ALA A 429 17.37 -20.34 10.43
N LEU A 430 18.57 -20.54 9.87
CA LEU A 430 19.40 -21.66 10.31
C LEU A 430 19.86 -21.48 11.75
N ALA A 431 20.24 -20.25 12.12
CA ALA A 431 20.57 -19.98 13.52
C ALA A 431 19.41 -20.35 14.44
N SER A 432 18.18 -19.97 14.04
CA SER A 432 17.02 -20.26 14.87
C SER A 432 16.76 -21.76 14.96
N ILE A 433 16.90 -22.49 13.85
CA ILE A 433 16.66 -23.93 13.88
C ILE A 433 17.68 -24.63 14.76
N PHE A 434 18.96 -24.28 14.60
CA PHE A 434 20.01 -24.87 15.43
C PHE A 434 19.79 -24.55 16.91
N SER A 435 19.39 -23.31 17.22
CA SER A 435 19.14 -22.95 18.60
C SER A 435 17.90 -23.64 19.17
N SER A 436 16.93 -23.95 18.31
CA SER A 436 15.77 -24.72 18.76
C SER A 436 16.15 -26.16 19.07
N CYS A 437 17.04 -26.74 18.25
CA CYS A 437 17.46 -28.11 18.50
C CYS A 437 18.32 -28.21 19.75
N SER A 438 19.21 -27.23 19.94
CA SER A 438 20.15 -27.26 21.06
C SER A 438 19.60 -26.64 22.34
N GLY A 439 18.67 -25.69 22.22
CA GLY A 439 18.16 -25.00 23.40
C GLY A 439 18.96 -23.80 23.84
N ALA A 440 19.61 -23.11 22.90
CA ALA A 440 20.53 -22.05 23.26
C ALA A 440 19.80 -20.78 23.72
N GLY A 441 18.70 -20.44 23.05
CA GLY A 441 18.06 -19.16 23.26
C GLY A 441 18.07 -18.33 22.00
N GLN A 442 16.89 -17.94 21.52
CA GLN A 442 16.80 -17.33 20.19
C GLN A 442 17.43 -15.95 20.15
N GLY A 443 17.11 -15.10 21.14
CA GLY A 443 17.57 -13.72 21.10
C GLY A 443 19.08 -13.61 21.13
N LEU A 444 19.73 -14.38 21.99
CA LEU A 444 21.18 -14.29 22.11
C LEU A 444 21.89 -15.02 20.97
N SER A 445 21.31 -16.09 20.44
CA SER A 445 21.86 -16.71 19.24
C SER A 445 21.87 -15.73 18.08
N LEU A 446 20.78 -14.97 17.90
CA LEU A 446 20.76 -14.00 16.82
C LEU A 446 21.67 -12.80 17.12
N GLY A 447 21.77 -12.40 18.38
CA GLY A 447 22.68 -11.32 18.73
C GLY A 447 24.13 -11.69 18.50
N VAL A 448 24.48 -12.97 18.65
CA VAL A 448 25.84 -13.40 18.35
C VAL A 448 26.03 -13.58 16.85
N LEU A 449 24.99 -14.03 16.14
CA LEU A 449 25.07 -14.10 14.69
C LEU A 449 25.34 -12.73 14.09
N ASN A 450 24.83 -11.67 14.73
CA ASN A 450 25.03 -10.31 14.23
C ASN A 450 26.49 -9.87 14.28
N LEU A 451 27.33 -10.52 15.08
CA LEU A 451 28.75 -10.19 15.10
C LEU A 451 29.39 -10.50 13.75
N ALA A 452 29.00 -11.62 13.14
CA ALA A 452 29.52 -11.99 11.82
C ALA A 452 29.11 -11.02 10.72
N ILE A 453 28.31 -10.02 11.06
CA ILE A 453 27.96 -8.94 10.15
C ILE A 453 28.67 -7.65 10.54
N VAL A 454 28.63 -7.29 11.83
CA VAL A 454 29.16 -5.99 12.23
C VAL A 454 30.68 -5.98 12.35
N ILE A 455 31.35 -7.12 12.47
CA ILE A 455 32.81 -7.14 12.49
C ILE A 455 33.36 -6.99 11.07
N PRO A 456 32.86 -7.76 10.08
CA PRO A 456 33.25 -7.46 8.69
C PRO A 456 32.95 -6.03 8.28
N GLN A 457 31.91 -5.41 8.84
CA GLN A 457 31.59 -4.03 8.50
C GLN A 457 32.71 -3.09 8.90
N MET A 458 33.18 -3.20 10.15
CA MET A 458 34.27 -2.35 10.59
C MET A 458 35.58 -2.68 9.86
N ILE A 459 35.84 -3.97 9.64
CA ILE A 459 37.05 -4.34 8.90
C ILE A 459 37.06 -3.68 7.53
N VAL A 460 35.95 -3.79 6.80
CA VAL A 460 35.92 -3.26 5.43
C VAL A 460 35.94 -1.74 5.45
N SER A 461 35.21 -1.11 6.38
CA SER A 461 35.15 0.34 6.38
C SER A 461 36.49 0.97 6.75
N LEU A 462 37.24 0.32 7.66
CA LEU A 462 38.52 0.87 8.07
C LEU A 462 39.69 0.43 7.20
N GLY A 463 39.54 -0.65 6.43
CA GLY A 463 40.65 -1.11 5.62
C GLY A 463 40.45 -1.04 4.12
N GLY A 464 39.28 -0.62 3.65
CA GLY A 464 39.04 -0.53 2.22
C GLY A 464 39.97 0.42 1.51
N GLY A 465 39.98 1.67 1.95
CA GLY A 465 40.85 2.68 1.39
C GLY A 465 42.31 2.26 1.34
N PRO A 466 42.88 1.89 2.50
CA PRO A 466 44.30 1.47 2.49
C PRO A 466 44.55 0.25 1.63
N PHE A 467 43.62 -0.71 1.60
CA PHE A 467 43.80 -1.90 0.76
C PHE A 467 43.78 -1.54 -0.71
N ASP A 468 42.81 -0.71 -1.13
CA ASP A 468 42.76 -0.26 -2.52
C ASP A 468 44.04 0.49 -2.89
N ALA A 469 44.50 1.39 -2.02
CA ALA A 469 45.74 2.12 -2.30
C ALA A 469 46.93 1.17 -2.40
N LEU A 470 46.96 0.15 -1.56
CA LEU A 470 48.03 -0.85 -1.60
C LEU A 470 48.14 -1.50 -2.98
N PHE A 471 47.02 -1.72 -3.66
CA PHE A 471 47.02 -2.44 -4.93
C PHE A 471 46.76 -1.54 -6.13
N GLY A 472 47.12 -0.26 -6.04
CA GLY A 472 47.19 0.62 -7.20
C GLY A 472 46.21 1.78 -7.16
N GLY A 473 45.09 1.60 -6.49
CA GLY A 473 44.09 2.64 -6.34
C GLY A 473 42.79 2.25 -7.03
N GLY A 474 41.83 3.16 -6.93
CA GLY A 474 40.52 2.90 -7.47
C GLY A 474 39.68 2.07 -6.51
N ASN A 475 38.58 1.54 -7.03
CA ASN A 475 37.69 0.69 -6.25
C ASN A 475 37.84 -0.80 -6.53
N LEU A 476 38.51 -1.21 -7.62
CA LEU A 476 38.37 -2.58 -8.09
C LEU A 476 39.04 -3.66 -7.23
N PRO A 477 40.23 -3.41 -6.64
CA PRO A 477 40.85 -4.49 -5.83
C PRO A 477 39.96 -5.01 -4.70
N ALA A 478 39.24 -4.12 -4.03
CA ALA A 478 38.31 -4.58 -2.99
C ALA A 478 37.23 -5.45 -3.61
N PHE A 479 36.80 -5.14 -4.82
CA PHE A 479 35.75 -5.93 -5.46
C PHE A 479 36.25 -7.32 -5.86
N ILE A 480 37.50 -7.41 -6.32
CA ILE A 480 38.02 -8.73 -6.70
C ILE A 480 38.24 -9.60 -5.46
N VAL A 481 38.75 -9.01 -4.37
CA VAL A 481 38.90 -9.79 -3.15
C VAL A 481 37.54 -10.22 -2.61
N ALA A 482 36.53 -9.35 -2.75
CA ALA A 482 35.18 -9.73 -2.33
C ALA A 482 34.61 -10.84 -3.19
N ALA A 483 34.93 -10.85 -4.49
CA ALA A 483 34.46 -11.95 -5.34
C ALA A 483 35.06 -13.28 -4.91
N ILE A 484 36.37 -13.28 -4.63
CA ILE A 484 37.00 -14.52 -4.16
C ILE A 484 36.37 -14.96 -2.84
N ALA A 485 36.12 -14.00 -1.93
CA ALA A 485 35.50 -14.33 -0.65
C ALA A 485 34.09 -14.91 -0.84
N ALA A 486 33.34 -14.39 -1.81
CA ALA A 486 32.00 -14.91 -2.07
C ALA A 486 32.04 -16.34 -2.58
N ALA A 487 32.99 -16.64 -3.49
CA ALA A 487 33.12 -18.01 -3.96
C ALA A 487 33.51 -18.96 -2.83
N ILE A 488 34.38 -18.49 -1.93
CA ILE A 488 34.78 -19.32 -0.80
C ILE A 488 33.59 -19.56 0.14
N SER A 489 32.76 -18.54 0.32
CA SER A 489 31.54 -18.71 1.11
C SER A 489 30.63 -19.76 0.50
N GLY A 490 30.48 -19.74 -0.83
CA GLY A 490 29.67 -20.76 -1.48
C GLY A 490 30.22 -22.15 -1.24
N VAL A 491 31.54 -22.32 -1.41
CA VAL A 491 32.16 -23.62 -1.19
C VAL A 491 31.90 -24.11 0.24
N LEU A 492 32.11 -23.23 1.22
CA LEU A 492 31.98 -23.64 2.62
C LEU A 492 30.52 -23.93 2.98
N ALA A 493 29.58 -23.13 2.46
CA ALA A 493 28.17 -23.39 2.72
C ALA A 493 27.73 -24.71 2.10
N LEU A 494 28.35 -25.10 0.99
CA LEU A 494 27.97 -26.36 0.36
C LEU A 494 28.66 -27.57 0.98
N THR A 495 29.82 -27.40 1.63
CA THR A 495 30.59 -28.53 2.10
C THR A 495 30.64 -28.64 3.63
N VAL A 496 31.10 -27.61 4.33
CA VAL A 496 31.34 -27.75 5.77
C VAL A 496 30.09 -27.47 6.61
N LEU A 497 29.16 -26.65 6.12
CA LEU A 497 27.98 -26.29 6.92
C LEU A 497 27.08 -27.50 7.10
N PRO A 498 26.75 -27.88 8.34
CA PRO A 498 25.87 -29.04 8.54
C PRO A 498 24.43 -28.72 8.23
N SER A 499 23.71 -29.73 7.74
CA SER A 499 22.30 -29.59 7.41
C SER A 499 21.45 -29.71 8.68
N PRO A 500 20.27 -29.10 8.69
CA PRO A 500 19.42 -29.14 9.89
C PRO A 500 18.85 -30.53 10.11
N PRO A 501 18.36 -30.82 11.32
CA PRO A 501 17.81 -32.16 11.60
C PRO A 501 16.49 -32.42 10.89
N ASP B 26 -26.35 36.11 -18.30
CA ASP B 26 -26.78 34.91 -17.60
C ASP B 26 -25.90 33.72 -18.01
N GLN B 27 -24.57 33.93 -18.00
CA GLN B 27 -23.68 32.90 -18.49
C GLN B 27 -23.69 31.65 -17.59
N PRO B 28 -23.47 31.75 -16.27
CA PRO B 28 -23.74 30.59 -15.42
C PRO B 28 -25.22 30.50 -15.09
N SER B 29 -25.74 29.27 -15.12
CA SER B 29 -27.11 29.01 -14.72
C SER B 29 -27.26 29.07 -13.19
N PRO B 30 -28.44 29.47 -12.71
CA PRO B 30 -28.61 29.66 -11.26
C PRO B 30 -28.48 28.36 -10.49
N LEU B 31 -28.23 28.51 -9.19
CA LEU B 31 -27.99 27.36 -8.31
C LEU B 31 -29.18 26.40 -8.28
N ARG B 32 -30.40 26.95 -8.28
CA ARG B 32 -31.60 26.14 -8.15
C ARG B 32 -31.77 25.16 -9.31
N LYS B 33 -31.22 25.48 -10.48
CA LYS B 33 -31.31 24.57 -11.62
C LYS B 33 -30.23 23.50 -11.55
N ILE B 34 -29.03 23.87 -11.13
CA ILE B 34 -27.94 22.92 -11.03
C ILE B 34 -28.27 21.87 -9.97
N ILE B 35 -28.87 22.28 -8.85
CA ILE B 35 -29.29 21.32 -7.83
C ILE B 35 -30.41 20.43 -8.36
N SER B 36 -31.29 20.98 -9.19
CA SER B 36 -32.33 20.16 -9.80
C SER B 36 -31.72 19.08 -10.69
N VAL B 37 -30.62 19.40 -11.36
CA VAL B 37 -29.97 18.36 -12.17
C VAL B 37 -29.23 17.36 -11.28
N ALA B 38 -28.65 17.83 -10.17
CA ALA B 38 -27.97 16.92 -9.26
C ALA B 38 -28.93 15.98 -8.53
N SER B 39 -30.21 16.33 -8.43
CA SER B 39 -31.16 15.52 -7.67
C SER B 39 -31.46 14.17 -8.31
N ILE B 40 -31.12 13.94 -9.58
CA ILE B 40 -31.37 12.64 -10.20
C ILE B 40 -30.54 11.52 -9.57
N ALA B 41 -29.43 11.88 -8.93
CA ALA B 41 -28.56 10.88 -8.31
C ALA B 41 -29.28 10.12 -7.21
N ALA B 42 -30.25 10.75 -6.54
CA ALA B 42 -31.03 10.04 -5.52
C ALA B 42 -31.81 8.89 -6.15
N GLY B 43 -32.52 9.17 -7.24
CA GLY B 43 -33.28 8.13 -7.90
C GLY B 43 -32.41 7.06 -8.52
N VAL B 44 -31.20 7.41 -8.93
CA VAL B 44 -30.31 6.40 -9.50
C VAL B 44 -29.73 5.52 -8.41
N GLN B 45 -29.24 6.12 -7.32
CA GLN B 45 -28.63 5.34 -6.24
C GLN B 45 -29.65 4.50 -5.48
N PHE B 46 -30.93 4.91 -5.49
CA PHE B 46 -31.96 4.10 -4.86
C PHE B 46 -32.00 2.70 -5.45
N GLY B 47 -31.97 2.60 -6.79
CA GLY B 47 -32.07 1.32 -7.47
C GLY B 47 -30.92 0.38 -7.20
N TRP B 48 -29.77 0.90 -6.79
CA TRP B 48 -28.65 0.03 -6.42
C TRP B 48 -28.66 -0.30 -4.94
N ALA B 49 -28.78 0.73 -4.09
CA ALA B 49 -28.85 0.50 -2.65
C ALA B 49 -29.94 -0.49 -2.27
N LEU B 50 -31.02 -0.52 -3.06
CA LEU B 50 -32.09 -1.51 -2.97
C LEU B 50 -31.60 -2.93 -2.77
N GLN B 51 -30.57 -3.33 -3.52
CA GLN B 51 -30.21 -4.73 -3.71
C GLN B 51 -29.28 -5.29 -2.63
N LEU B 52 -28.84 -4.46 -1.69
CA LEU B 52 -27.82 -4.88 -0.73
C LEU B 52 -28.25 -6.13 0.05
N SER B 53 -29.48 -6.15 0.54
CA SER B 53 -29.95 -7.25 1.39
C SER B 53 -31.03 -8.09 0.72
N LEU B 54 -31.30 -7.89 -0.57
CA LEU B 54 -32.31 -8.68 -1.26
C LEU B 54 -31.79 -9.46 -2.46
N LEU B 55 -30.62 -9.13 -3.00
CA LEU B 55 -30.15 -9.79 -4.22
C LEU B 55 -29.55 -11.17 -3.94
N THR B 56 -28.84 -11.31 -2.82
CA THR B 56 -28.25 -12.61 -2.49
C THR B 56 -29.30 -13.69 -2.24
N PRO B 57 -30.37 -13.46 -1.48
CA PRO B 57 -31.41 -14.49 -1.40
C PRO B 57 -32.09 -14.78 -2.73
N TYR B 58 -32.15 -13.79 -3.62
CA TYR B 58 -32.70 -14.02 -4.95
C TYR B 58 -31.79 -14.93 -5.77
N VAL B 59 -30.48 -14.73 -5.68
CA VAL B 59 -29.53 -15.62 -6.35
C VAL B 59 -29.62 -17.02 -5.78
N GLN B 60 -29.82 -17.14 -4.47
CA GLN B 60 -30.03 -18.47 -3.89
C GLN B 60 -31.32 -19.11 -4.39
N LEU B 61 -32.39 -18.32 -4.50
CA LEU B 61 -33.66 -18.83 -4.97
C LEU B 61 -33.57 -19.30 -6.42
N LEU B 62 -32.83 -18.55 -7.25
CA LEU B 62 -32.67 -18.93 -8.65
C LEU B 62 -31.73 -20.12 -8.80
N GLY B 63 -30.79 -20.29 -7.87
CA GLY B 63 -29.82 -21.36 -7.97
C GLY B 63 -28.73 -21.11 -8.99
N ILE B 64 -28.24 -19.88 -9.09
CA ILE B 64 -27.22 -19.55 -10.08
C ILE B 64 -25.88 -20.11 -9.64
N PRO B 65 -25.19 -20.87 -10.50
CA PRO B 65 -23.82 -21.28 -10.18
C PRO B 65 -22.92 -20.08 -9.92
N HIS B 66 -22.15 -20.17 -8.84
CA HIS B 66 -21.27 -19.08 -8.40
C HIS B 66 -20.32 -18.58 -9.49
N LYS B 67 -19.92 -19.45 -10.42
CA LYS B 67 -19.09 -19.00 -11.54
C LYS B 67 -19.88 -18.09 -12.50
N TRP B 68 -21.12 -18.50 -12.84
CA TRP B 68 -21.94 -17.64 -13.67
C TRP B 68 -22.27 -16.33 -12.97
N SER B 69 -22.43 -16.36 -11.65
CA SER B 69 -22.64 -15.14 -10.89
C SER B 69 -21.42 -14.24 -10.97
N SER B 70 -20.22 -14.81 -10.88
CA SER B 70 -19.01 -14.00 -11.00
C SER B 70 -18.92 -13.34 -12.37
N LEU B 71 -19.28 -14.08 -13.43
CA LEU B 71 -19.26 -13.49 -14.77
C LEU B 71 -20.28 -12.37 -14.89
N ILE B 72 -21.51 -12.61 -14.43
CA ILE B 72 -22.56 -11.59 -14.47
C ILE B 72 -22.11 -10.32 -13.74
N TRP B 73 -21.49 -10.49 -12.56
CA TRP B 73 -21.02 -9.34 -11.81
C TRP B 73 -19.90 -8.62 -12.55
N LEU B 74 -18.96 -9.36 -13.14
CA LEU B 74 -17.84 -8.74 -13.84
C LEU B 74 -18.31 -7.95 -15.06
N CYS B 75 -19.46 -8.32 -15.63
CA CYS B 75 -20.02 -7.54 -16.74
C CYS B 75 -20.19 -6.06 -16.41
N GLY B 76 -20.26 -5.71 -15.13
CA GLY B 76 -20.42 -4.33 -14.71
C GLY B 76 -19.25 -3.43 -15.07
N PRO B 77 -18.09 -3.69 -14.44
CA PRO B 77 -16.91 -2.85 -14.75
C PRO B 77 -16.49 -2.90 -16.20
N VAL B 78 -16.69 -4.03 -16.90
CA VAL B 78 -16.36 -4.09 -18.32
C VAL B 78 -17.24 -3.13 -19.11
N SER B 79 -18.55 -3.15 -18.83
CA SER B 79 -19.46 -2.21 -19.48
C SER B 79 -19.12 -0.77 -19.12
N GLY B 80 -18.64 -0.53 -17.89
CA GLY B 80 -18.17 0.80 -17.54
C GLY B 80 -16.95 1.21 -18.35
N MET B 81 -16.09 0.24 -18.67
CA MET B 81 -14.94 0.53 -19.53
C MET B 81 -15.36 0.89 -20.94
N ILE B 82 -16.35 0.17 -21.46
CA ILE B 82 -16.70 0.32 -22.89
C ILE B 82 -17.67 1.47 -23.11
N VAL B 83 -18.78 1.52 -22.38
CA VAL B 83 -19.88 2.43 -22.72
C VAL B 83 -19.51 3.88 -22.41
N GLN B 84 -19.05 4.14 -21.20
CA GLN B 84 -18.90 5.51 -20.72
C GLN B 84 -18.00 6.40 -21.59
N PRO B 85 -16.81 5.99 -22.04
CA PRO B 85 -16.05 6.91 -22.92
C PRO B 85 -16.73 7.14 -24.25
N ILE B 86 -17.32 6.10 -24.86
CA ILE B 86 -18.00 6.26 -26.14
C ILE B 86 -19.20 7.20 -25.99
N VAL B 87 -20.00 6.99 -24.93
CA VAL B 87 -21.15 7.84 -24.69
C VAL B 87 -20.71 9.28 -24.43
N GLY B 88 -19.61 9.48 -23.71
CA GLY B 88 -19.12 10.83 -23.48
C GLY B 88 -18.70 11.51 -24.77
N PHE B 89 -17.97 10.78 -25.62
CA PHE B 89 -17.51 11.34 -26.89
C PHE B 89 -18.69 11.69 -27.80
N HIS B 90 -19.72 10.86 -27.80
CA HIS B 90 -20.88 11.14 -28.63
C HIS B 90 -21.74 12.27 -28.05
N SER B 91 -21.77 12.40 -26.72
CA SER B 91 -22.56 13.45 -26.08
C SER B 91 -21.91 14.81 -26.26
N ASP B 92 -20.57 14.85 -26.27
CA ASP B 92 -19.89 16.12 -26.59
C ASP B 92 -20.23 16.66 -27.99
N ARG B 93 -20.68 15.83 -28.96
CA ARG B 93 -21.07 16.35 -30.31
C ARG B 93 -22.52 16.03 -30.63
N CYS B 94 -23.41 16.12 -29.65
CA CYS B 94 -24.80 15.68 -29.83
C CYS B 94 -25.58 16.57 -30.82
N ARG B 95 -25.64 17.88 -30.56
CA ARG B 95 -26.33 18.90 -31.37
C ARG B 95 -27.83 18.65 -31.54
N SER B 96 -28.41 17.72 -30.77
CA SER B 96 -29.85 17.52 -30.85
C SER B 96 -30.57 18.73 -30.27
N LYS B 97 -31.82 18.94 -30.72
CA LYS B 97 -32.60 20.07 -30.26
C LYS B 97 -32.94 19.97 -28.77
N PHE B 98 -32.89 18.78 -28.19
CA PHE B 98 -33.14 18.63 -26.76
C PHE B 98 -31.90 18.91 -25.93
N GLY B 99 -30.73 19.02 -26.53
CA GLY B 99 -29.50 19.33 -25.83
C GLY B 99 -28.48 18.21 -25.96
N ARG B 100 -27.31 18.47 -25.38
CA ARG B 100 -26.21 17.51 -25.44
C ARG B 100 -26.34 16.40 -24.40
N ARG B 101 -26.99 16.69 -23.27
CA ARG B 101 -27.02 15.77 -22.15
C ARG B 101 -28.41 15.21 -21.85
N ARG B 102 -29.47 15.94 -22.17
CA ARG B 102 -30.82 15.50 -21.81
C ARG B 102 -31.24 14.23 -22.55
N PRO B 103 -30.94 14.07 -23.85
CA PRO B 103 -31.31 12.81 -24.52
C PRO B 103 -30.68 11.58 -23.88
N PHE B 104 -29.39 11.65 -23.51
CA PHE B 104 -28.73 10.48 -22.92
C PHE B 104 -29.27 10.18 -21.53
N ILE B 105 -29.52 11.22 -20.73
CA ILE B 105 -30.10 11.02 -19.41
C ILE B 105 -31.48 10.38 -19.52
N ALA B 106 -32.29 10.87 -20.46
CA ALA B 106 -33.63 10.31 -20.64
C ALA B 106 -33.58 8.87 -21.09
N THR B 107 -32.69 8.54 -22.03
CA THR B 107 -32.59 7.16 -22.51
C THR B 107 -32.11 6.24 -21.39
N GLY B 108 -31.12 6.67 -20.60
CA GLY B 108 -30.66 5.84 -19.50
C GLY B 108 -31.74 5.59 -18.46
N ALA B 109 -32.49 6.64 -18.10
CA ALA B 109 -33.54 6.48 -17.11
C ALA B 109 -34.64 5.57 -17.65
N ALA B 110 -34.94 5.66 -18.94
CA ALA B 110 -35.95 4.77 -19.51
C ALA B 110 -35.49 3.33 -19.51
N LEU B 111 -34.21 3.09 -19.84
CA LEU B 111 -33.70 1.72 -19.86
C LEU B 111 -33.60 1.10 -18.46
N VAL B 112 -33.39 1.94 -17.45
CA VAL B 112 -33.41 1.45 -16.07
C VAL B 112 -34.75 0.77 -15.77
N ALA B 113 -35.84 1.35 -16.27
CA ALA B 113 -37.16 0.76 -16.04
C ALA B 113 -37.28 -0.63 -16.63
N VAL B 114 -36.82 -0.81 -17.87
CA VAL B 114 -36.90 -2.12 -18.53
C VAL B 114 -36.03 -3.13 -17.79
N ALA B 115 -34.83 -2.73 -17.38
CA ALA B 115 -33.94 -3.66 -16.68
C ALA B 115 -34.54 -4.06 -15.33
N VAL B 116 -35.11 -3.08 -14.62
CA VAL B 116 -35.89 -3.33 -13.42
C VAL B 116 -36.99 -4.36 -13.66
N PHE B 117 -37.80 -4.13 -14.68
CA PHE B 117 -38.92 -5.01 -14.98
C PHE B 117 -38.45 -6.43 -15.25
N LEU B 118 -37.30 -6.57 -15.94
CA LEU B 118 -36.82 -7.90 -16.29
C LEU B 118 -36.15 -8.61 -15.11
N ILE B 119 -35.50 -7.86 -14.22
CA ILE B 119 -34.83 -8.49 -13.09
C ILE B 119 -35.85 -8.92 -12.04
N GLY B 120 -36.84 -8.07 -11.76
CA GLY B 120 -37.81 -8.41 -10.72
C GLY B 120 -38.68 -9.61 -11.07
N TYR B 121 -38.94 -9.84 -12.35
CA TYR B 121 -39.88 -10.86 -12.80
C TYR B 121 -39.20 -12.07 -13.41
N ALA B 122 -37.90 -12.26 -13.14
CA ALA B 122 -37.15 -13.33 -13.80
C ALA B 122 -37.67 -14.71 -13.37
N ALA B 123 -37.87 -14.91 -12.07
CA ALA B 123 -38.34 -16.21 -11.58
C ALA B 123 -39.69 -16.57 -12.18
N ASP B 124 -40.57 -15.58 -12.31
CA ASP B 124 -41.90 -15.85 -12.86
C ASP B 124 -41.83 -16.14 -14.35
N PHE B 125 -40.94 -15.44 -15.07
CA PHE B 125 -40.65 -15.78 -16.47
C PHE B 125 -40.25 -17.25 -16.57
N GLY B 126 -39.20 -17.63 -15.85
CA GLY B 126 -38.70 -18.99 -15.90
C GLY B 126 -39.75 -20.02 -15.56
N TYR B 127 -40.57 -19.74 -14.54
CA TYR B 127 -41.66 -20.65 -14.19
C TYR B 127 -42.63 -20.78 -15.35
N LYS B 128 -42.98 -19.65 -15.96
CA LYS B 128 -44.00 -19.65 -17.00
C LYS B 128 -43.52 -20.40 -18.23
N MET B 129 -42.21 -20.50 -18.40
CA MET B 129 -41.62 -21.03 -19.62
C MET B 129 -41.07 -22.44 -19.47
N GLY B 130 -41.05 -23.01 -18.27
CA GLY B 130 -40.64 -24.40 -18.18
C GLY B 130 -39.85 -24.85 -16.97
N ASP B 131 -39.31 -23.93 -16.17
CA ASP B 131 -38.57 -24.35 -15.00
C ASP B 131 -39.54 -25.03 -14.03
N LYS B 132 -39.07 -26.09 -13.38
CA LYS B 132 -39.84 -26.81 -12.38
C LYS B 132 -39.45 -26.23 -11.02
N LEU B 133 -40.39 -26.29 -10.08
CA LEU B 133 -40.24 -25.62 -8.79
C LEU B 133 -39.15 -26.29 -7.98
N GLU B 134 -39.03 -27.60 -8.11
CA GLU B 134 -38.08 -28.43 -7.37
C GLU B 134 -36.83 -28.75 -8.20
N GLU B 135 -36.23 -27.70 -8.75
CA GLU B 135 -35.00 -27.78 -9.53
C GLU B 135 -34.06 -26.68 -9.04
N LYS B 136 -32.79 -27.04 -8.80
CA LYS B 136 -31.88 -26.05 -8.22
C LYS B 136 -31.59 -24.93 -9.23
N VAL B 137 -31.04 -25.28 -10.38
CA VAL B 137 -30.60 -24.30 -11.37
C VAL B 137 -31.78 -24.02 -12.31
N LYS B 138 -32.38 -22.85 -12.15
CA LYS B 138 -33.52 -22.44 -12.98
C LYS B 138 -32.98 -21.68 -14.18
N VAL B 139 -32.84 -22.40 -15.30
CA VAL B 139 -32.05 -21.91 -16.43
C VAL B 139 -32.66 -20.66 -17.04
N ARG B 140 -33.91 -20.76 -17.49
CA ARG B 140 -34.55 -19.64 -18.18
C ARG B 140 -34.62 -18.40 -17.30
N ALA B 141 -34.92 -18.59 -16.02
CA ALA B 141 -34.94 -17.46 -15.08
C ALA B 141 -33.57 -16.81 -14.97
N ILE B 142 -32.51 -17.63 -14.98
CA ILE B 142 -31.16 -17.08 -14.92
C ILE B 142 -30.84 -16.28 -16.17
N GLY B 143 -31.28 -16.77 -17.33
CA GLY B 143 -31.06 -16.02 -18.56
C GLY B 143 -31.73 -14.67 -18.54
N ILE B 144 -32.99 -14.63 -18.08
CA ILE B 144 -33.70 -13.35 -17.99
C ILE B 144 -33.01 -12.44 -16.98
N PHE B 145 -32.58 -13.00 -15.86
CA PHE B 145 -31.85 -12.26 -14.82
C PHE B 145 -30.61 -11.59 -15.40
N ALA B 146 -29.82 -12.35 -16.16
CA ALA B 146 -28.59 -11.81 -16.73
C ALA B 146 -28.87 -10.74 -17.77
N LEU B 147 -29.84 -10.96 -18.66
CA LEU B 147 -30.21 -9.93 -19.62
C LEU B 147 -30.61 -8.64 -18.92
N GLY B 148 -31.42 -8.75 -17.86
CA GLY B 148 -31.82 -7.57 -17.11
C GLY B 148 -30.63 -6.81 -16.54
N PHE B 149 -29.69 -7.53 -15.91
CA PHE B 149 -28.55 -6.84 -15.34
C PHE B 149 -27.65 -6.22 -16.40
N TRP B 150 -27.54 -6.85 -17.58
CA TRP B 150 -26.75 -6.24 -18.65
C TRP B 150 -27.39 -4.93 -19.10
N ILE B 151 -28.71 -4.93 -19.26
CA ILE B 151 -29.41 -3.69 -19.61
C ILE B 151 -29.19 -2.63 -18.53
N LEU B 152 -29.22 -3.04 -17.26
CA LEU B 152 -29.03 -2.08 -16.17
C LEU B 152 -27.63 -1.48 -16.19
N ASP B 153 -26.62 -2.30 -16.51
CA ASP B 153 -25.25 -1.78 -16.59
C ASP B 153 -25.13 -0.76 -17.71
N VAL B 154 -25.67 -1.09 -18.89
CA VAL B 154 -25.61 -0.16 -20.02
C VAL B 154 -26.33 1.13 -19.68
N ALA B 155 -27.47 1.05 -19.00
CA ALA B 155 -28.23 2.25 -18.65
C ALA B 155 -27.47 3.13 -17.67
N ASN B 156 -26.90 2.52 -16.62
CA ASN B 156 -26.13 3.29 -15.64
C ASN B 156 -24.98 4.03 -16.30
N ASN B 157 -24.26 3.35 -17.20
CA ASN B 157 -23.11 4.00 -17.83
C ASN B 157 -23.53 4.98 -18.92
N THR B 158 -24.73 4.83 -19.49
CA THR B 158 -25.26 5.87 -20.36
C THR B 158 -25.63 7.12 -19.58
N LEU B 159 -26.09 6.96 -18.34
CA LEU B 159 -26.59 8.09 -17.58
C LEU B 159 -25.46 8.88 -16.91
N GLN B 160 -24.51 8.19 -16.28
CA GLN B 160 -23.60 8.85 -15.34
C GLN B 160 -22.84 10.01 -15.98
N GLY B 161 -22.25 9.79 -17.16
CA GLY B 161 -21.42 10.78 -17.79
C GLY B 161 -22.10 12.11 -18.11
N PRO B 162 -23.10 12.07 -19.00
CA PRO B 162 -23.78 13.30 -19.39
C PRO B 162 -24.38 14.08 -18.23
N CYS B 163 -24.65 13.44 -17.10
CA CYS B 163 -25.28 14.14 -15.98
C CYS B 163 -24.30 15.10 -15.32
N ARG B 164 -23.11 14.61 -14.95
CA ARG B 164 -22.08 15.49 -14.42
C ARG B 164 -21.58 16.46 -15.49
N ALA B 165 -21.57 16.03 -16.76
CA ALA B 165 -21.22 16.97 -17.83
C ALA B 165 -22.23 18.10 -17.93
N PHE B 166 -23.51 17.82 -17.67
CA PHE B 166 -24.54 18.84 -17.70
C PHE B 166 -24.41 19.79 -16.50
N LEU B 167 -24.03 19.25 -15.34
CA LEU B 167 -23.62 20.10 -14.23
C LEU B 167 -22.51 21.06 -14.66
N ALA B 168 -21.47 20.52 -15.31
CA ALA B 168 -20.35 21.35 -15.74
C ALA B 168 -20.79 22.41 -16.74
N ASP B 169 -21.71 22.06 -17.63
CA ASP B 169 -22.24 23.04 -18.58
C ASP B 169 -22.98 24.15 -17.85
N LEU B 170 -23.78 23.80 -16.83
CA LEU B 170 -24.48 24.81 -16.07
C LEU B 170 -23.51 25.73 -15.33
N ALA B 171 -22.35 25.21 -14.92
CA ALA B 171 -21.39 26.05 -14.20
C ALA B 171 -20.76 27.10 -15.11
N ALA B 172 -20.57 26.78 -16.39
CA ALA B 172 -20.07 27.72 -17.40
C ALA B 172 -18.75 28.37 -16.96
N GLY B 173 -17.84 27.55 -16.46
CA GLY B 173 -16.49 27.99 -16.13
C GLY B 173 -16.28 28.47 -14.71
N ASP B 174 -17.30 28.46 -13.87
CA ASP B 174 -17.17 28.85 -12.48
C ASP B 174 -16.70 27.64 -11.68
N ALA B 175 -15.46 27.68 -11.19
CA ALA B 175 -14.91 26.54 -10.46
C ALA B 175 -15.67 26.28 -9.17
N LYS B 176 -16.01 27.34 -8.43
CA LYS B 176 -16.75 27.19 -7.19
C LYS B 176 -18.12 26.59 -7.44
N ARG B 177 -18.78 27.00 -8.54
CA ARG B 177 -20.07 26.45 -8.89
C ARG B 177 -19.95 24.97 -9.21
N THR B 178 -18.87 24.58 -9.89
CA THR B 178 -18.64 23.16 -10.19
C THR B 178 -18.45 22.35 -8.91
N ARG B 179 -17.66 22.87 -7.97
CA ARG B 179 -17.43 22.15 -6.73
C ARG B 179 -18.71 21.99 -5.94
N VAL B 180 -19.52 23.05 -5.86
CA VAL B 180 -20.79 22.97 -5.15
C VAL B 180 -21.73 21.98 -5.81
N ALA B 181 -21.75 21.98 -7.15
CA ALA B 181 -22.60 21.04 -7.88
C ALA B 181 -22.23 19.59 -7.57
N ASN B 182 -20.94 19.28 -7.56
CA ASN B 182 -20.57 17.90 -7.33
C ASN B 182 -20.72 17.49 -5.87
N ALA B 183 -20.53 18.42 -4.94
CA ALA B 183 -20.85 18.15 -3.54
C ALA B 183 -22.33 17.80 -3.39
N PHE B 184 -23.21 18.55 -4.06
CA PHE B 184 -24.63 18.23 -4.00
C PHE B 184 -24.95 16.90 -4.67
N PHE B 185 -24.23 16.56 -5.73
CA PHE B 185 -24.38 15.24 -6.34
C PHE B 185 -24.10 14.13 -5.32
N SER B 186 -22.99 14.24 -4.59
CA SER B 186 -22.68 13.23 -3.58
C SER B 186 -23.73 13.21 -2.47
N PHE B 187 -24.22 14.39 -2.08
CA PHE B 187 -25.28 14.45 -1.07
C PHE B 187 -26.51 13.67 -1.50
N PHE B 188 -26.96 13.88 -2.74
CA PHE B 188 -28.14 13.18 -3.22
C PHE B 188 -27.87 11.68 -3.37
N MET B 189 -26.64 11.30 -3.69
CA MET B 189 -26.29 9.88 -3.66
C MET B 189 -26.51 9.30 -2.27
N ALA B 190 -26.09 10.03 -1.23
CA ALA B 190 -26.29 9.53 0.13
C ALA B 190 -27.78 9.46 0.49
N VAL B 191 -28.56 10.43 0.03
CA VAL B 191 -30.01 10.39 0.27
C VAL B 191 -30.62 9.13 -0.34
N GLY B 192 -30.36 8.90 -1.63
CA GLY B 192 -30.87 7.70 -2.27
C GLY B 192 -30.38 6.43 -1.60
N ASN B 193 -29.15 6.43 -1.09
CA ASN B 193 -28.63 5.26 -0.40
C ASN B 193 -29.42 4.98 0.88
N VAL B 194 -29.66 6.01 1.69
CA VAL B 194 -30.41 5.81 2.92
C VAL B 194 -31.82 5.31 2.61
N LEU B 195 -32.47 5.90 1.60
CA LEU B 195 -33.83 5.48 1.27
C LEU B 195 -33.86 4.03 0.80
N GLY B 196 -32.93 3.64 -0.08
CA GLY B 196 -32.89 2.29 -0.56
C GLY B 196 -32.51 1.27 0.50
N TYR B 197 -31.65 1.66 1.44
CA TYR B 197 -31.30 0.77 2.53
C TYR B 197 -32.46 0.58 3.49
N ALA B 198 -33.27 1.63 3.69
CA ALA B 198 -34.44 1.49 4.55
C ALA B 198 -35.51 0.64 3.88
N ALA B 199 -35.66 0.76 2.56
CA ALA B 199 -36.66 -0.03 1.86
C ALA B 199 -36.24 -1.50 1.77
N GLY B 200 -35.00 -1.75 1.34
CA GLY B 200 -34.55 -3.12 1.10
C GLY B 200 -34.46 -3.98 2.35
N SER B 201 -34.32 -3.36 3.52
CA SER B 201 -34.19 -4.11 4.78
C SER B 201 -35.50 -4.15 5.56
N TYR B 202 -36.62 -3.80 4.93
CA TYR B 202 -37.92 -3.83 5.59
C TYR B 202 -38.72 -5.00 5.03
N THR B 203 -38.77 -6.09 5.79
CA THR B 203 -39.71 -7.17 5.50
C THR B 203 -41.13 -6.68 5.72
N ASN B 204 -42.08 -7.40 5.11
CA ASN B 204 -43.50 -7.06 5.08
C ASN B 204 -43.80 -5.85 4.19
N LEU B 205 -42.82 -5.41 3.39
CA LEU B 205 -43.09 -4.38 2.39
C LEU B 205 -43.99 -4.93 1.28
N HIS B 206 -43.89 -6.23 1.01
CA HIS B 206 -44.73 -6.88 0.01
C HIS B 206 -46.22 -6.74 0.32
N LYS B 207 -46.58 -6.41 1.56
CA LYS B 207 -47.98 -6.14 1.88
C LYS B 207 -48.55 -5.02 1.04
N MET B 208 -47.68 -4.16 0.50
CA MET B 208 -48.12 -3.10 -0.40
C MET B 208 -48.85 -3.68 -1.62
N PHE B 209 -48.27 -4.72 -2.22
CA PHE B 209 -48.86 -5.39 -3.38
C PHE B 209 -49.02 -6.86 -3.01
N PRO B 210 -50.20 -7.26 -2.53
CA PRO B 210 -50.37 -8.64 -2.03
C PRO B 210 -50.19 -9.71 -3.09
N PHE B 211 -50.41 -9.39 -4.36
CA PHE B 211 -50.27 -10.38 -5.43
C PHE B 211 -48.86 -10.45 -5.99
N THR B 212 -47.89 -9.83 -5.33
CA THR B 212 -46.49 -10.00 -5.73
C THR B 212 -46.01 -11.42 -5.47
N MET B 213 -46.64 -12.15 -4.56
CA MET B 213 -46.17 -13.47 -4.18
C MET B 213 -46.90 -14.55 -4.96
N THR B 214 -46.13 -15.37 -5.66
CA THR B 214 -46.63 -16.47 -6.46
C THR B 214 -45.99 -17.77 -5.99
N LYS B 215 -46.22 -18.83 -6.75
CA LYS B 215 -45.66 -20.13 -6.42
C LYS B 215 -44.16 -20.18 -6.66
N ALA B 216 -43.62 -19.33 -7.52
CA ALA B 216 -42.20 -19.31 -7.82
C ALA B 216 -41.48 -18.08 -7.27
N CYS B 217 -42.17 -17.24 -6.50
CA CYS B 217 -41.62 -15.97 -6.03
C CYS B 217 -41.69 -15.92 -4.51
N ASP B 218 -40.52 -15.87 -3.88
CA ASP B 218 -40.38 -15.88 -2.43
C ASP B 218 -40.90 -14.58 -1.82
N ILE B 219 -40.86 -14.51 -0.49
CA ILE B 219 -41.20 -13.27 0.20
C ILE B 219 -40.15 -12.20 -0.09
N TYR B 220 -38.87 -12.59 -0.12
CA TYR B 220 -37.82 -11.65 -0.48
C TYR B 220 -37.92 -11.25 -1.95
N CYS B 221 -38.32 -12.20 -2.81
CA CYS B 221 -38.65 -11.86 -4.19
C CYS B 221 -39.74 -10.79 -4.27
N ALA B 222 -40.77 -10.91 -3.43
CA ALA B 222 -41.84 -9.91 -3.43
C ALA B 222 -41.35 -8.57 -2.90
N ASN B 223 -40.48 -8.59 -1.88
CA ASN B 223 -39.88 -7.34 -1.42
C ASN B 223 -39.04 -6.71 -2.52
N LEU B 224 -38.38 -7.53 -3.32
CA LEU B 224 -37.60 -7.03 -4.45
C LEU B 224 -38.51 -6.37 -5.48
N LYS B 225 -39.66 -6.99 -5.76
CA LYS B 225 -40.62 -6.39 -6.69
C LYS B 225 -41.13 -5.06 -6.18
N THR B 226 -41.52 -4.99 -4.90
CA THR B 226 -42.04 -3.74 -4.35
C THR B 226 -40.97 -2.65 -4.35
N CYS B 227 -39.73 -3.01 -4.00
CA CYS B 227 -38.66 -2.03 -4.03
C CYS B 227 -38.41 -1.52 -5.45
N PHE B 228 -38.50 -2.38 -6.46
CA PHE B 228 -38.32 -1.80 -7.79
C PHE B 228 -39.49 -0.93 -8.22
N PHE B 229 -40.71 -1.26 -7.82
CA PHE B 229 -41.82 -0.36 -8.10
C PHE B 229 -41.52 1.03 -7.52
N LEU B 230 -41.12 1.06 -6.25
CA LEU B 230 -40.74 2.31 -5.60
C LEU B 230 -39.55 2.97 -6.28
N SER B 231 -38.65 2.19 -6.86
CA SER B 231 -37.49 2.75 -7.55
C SER B 231 -37.93 3.47 -8.81
N ILE B 232 -38.74 2.82 -9.65
CA ILE B 232 -39.27 3.46 -10.85
C ILE B 232 -40.05 4.72 -10.49
N THR B 233 -40.82 4.66 -9.40
CA THR B 233 -41.61 5.81 -8.99
C THR B 233 -40.70 7.00 -8.68
N LEU B 234 -39.74 6.80 -7.76
CA LEU B 234 -38.82 7.87 -7.42
C LEU B 234 -38.05 8.37 -8.64
N LEU B 235 -37.74 7.47 -9.58
CA LEU B 235 -36.95 7.86 -10.75
C LEU B 235 -37.75 8.76 -11.68
N LEU B 236 -39.00 8.39 -11.97
CA LEU B 236 -39.87 9.29 -12.72
C LEU B 236 -39.95 10.66 -12.05
N ILE B 237 -40.24 10.65 -10.75
CA ILE B 237 -40.43 11.90 -10.01
C ILE B 237 -39.21 12.81 -10.16
N VAL B 238 -38.02 12.28 -9.86
CA VAL B 238 -36.84 13.14 -9.89
C VAL B 238 -36.34 13.42 -11.31
N THR B 239 -36.77 12.65 -12.32
CA THR B 239 -36.22 12.80 -13.65
C THR B 239 -37.04 13.70 -14.56
N VAL B 240 -38.37 13.50 -14.65
CA VAL B 240 -39.18 14.37 -15.51
C VAL B 240 -39.06 15.83 -15.08
N THR B 241 -39.19 16.09 -13.78
CA THR B 241 -39.13 17.45 -13.29
C THR B 241 -37.78 18.09 -13.61
N SER B 242 -36.69 17.35 -13.42
CA SER B 242 -35.36 17.90 -13.66
C SER B 242 -35.12 18.13 -15.14
N LEU B 243 -35.57 17.22 -16.00
CA LEU B 243 -35.25 17.30 -17.42
C LEU B 243 -36.16 18.22 -18.19
N TRP B 244 -37.29 18.64 -17.62
CA TRP B 244 -38.12 19.62 -18.28
C TRP B 244 -38.27 20.90 -17.46
N TYR B 245 -37.54 21.01 -16.35
CA TYR B 245 -37.34 22.26 -15.63
C TYR B 245 -36.10 23.01 -16.09
N VAL B 246 -35.08 22.29 -16.57
CA VAL B 246 -33.78 22.85 -16.91
C VAL B 246 -33.57 22.78 -18.42
N ASN B 247 -33.23 23.93 -19.02
CA ASN B 247 -32.98 24.01 -20.45
C ASN B 247 -31.57 23.54 -20.82
N ASP B 248 -31.47 22.83 -21.94
CA ASP B 248 -30.20 22.34 -22.49
C ASP B 248 -29.99 22.96 -23.87
N LYS B 249 -29.13 23.98 -23.94
CA LYS B 249 -28.88 24.67 -25.20
C LYS B 249 -28.32 23.71 -26.24
N GLN B 250 -29.01 23.62 -27.39
CA GLN B 250 -28.57 22.69 -28.42
C GLN B 250 -27.23 23.14 -29.00
N TRP B 251 -26.27 22.22 -29.03
CA TRP B 251 -24.91 22.55 -29.42
C TRP B 251 -24.82 22.77 -30.93
N SER B 252 -23.90 23.65 -31.33
CA SER B 252 -23.62 23.93 -32.73
C SER B 252 -22.17 23.57 -33.01
N PRO B 253 -21.89 22.68 -33.95
CA PRO B 253 -20.49 22.36 -34.27
C PRO B 253 -19.86 23.46 -35.11
N PRO B 254 -18.55 23.69 -34.96
CA PRO B 254 -17.90 24.72 -35.75
C PRO B 254 -17.72 24.27 -37.19
N PRO B 255 -17.69 25.19 -38.14
CA PRO B 255 -17.42 24.80 -39.53
C PRO B 255 -16.05 24.13 -39.62
N ARG B 256 -15.92 23.23 -40.60
CA ARG B 256 -14.94 22.15 -40.59
C ARG B 256 -14.27 22.04 -41.96
N ASN B 257 -12.98 21.67 -42.07
CA ASN B 257 -12.47 21.96 -43.39
C ASN B 257 -12.60 20.68 -44.22
N ALA B 258 -11.72 20.55 -45.20
CA ALA B 258 -11.64 19.31 -45.94
C ALA B 258 -11.08 18.18 -45.09
N ASP B 259 -10.60 18.47 -43.88
CA ASP B 259 -10.17 17.49 -42.91
C ASP B 259 -11.22 17.35 -41.81
N ASP B 260 -11.17 16.23 -41.10
CA ASP B 260 -12.15 15.90 -40.08
C ASP B 260 -11.46 15.59 -38.77
N ASP B 261 -11.94 16.20 -37.69
CA ASP B 261 -11.41 15.96 -36.35
C ASP B 261 -12.41 15.27 -35.43
N GLU B 262 -13.68 15.18 -35.83
CA GLU B 262 -14.67 14.38 -35.12
C GLU B 262 -15.14 13.18 -35.92
N LYS B 263 -15.05 13.23 -37.25
CA LYS B 263 -15.60 12.20 -38.09
C LYS B 263 -14.56 11.30 -38.74
N THR B 264 -13.29 11.72 -38.83
CA THR B 264 -12.28 10.80 -39.32
C THR B 264 -12.19 9.68 -38.28
N SER B 265 -12.56 8.48 -38.70
CA SER B 265 -12.81 7.41 -37.75
C SER B 265 -11.51 6.73 -37.31
N SER B 266 -11.60 6.10 -36.14
CA SER B 266 -10.51 5.35 -35.53
C SER B 266 -11.01 3.95 -35.25
N VAL B 267 -10.31 3.21 -34.41
CA VAL B 267 -10.76 1.86 -34.05
C VAL B 267 -12.15 1.94 -33.42
N PRO B 268 -13.09 1.08 -33.80
CA PRO B 268 -14.43 1.13 -33.17
C PRO B 268 -14.37 1.01 -31.66
N LEU B 269 -13.67 0.01 -31.16
CA LEU B 269 -13.59 -0.27 -29.73
C LEU B 269 -12.33 0.38 -29.17
N PHE B 270 -12.51 1.32 -28.24
CA PHE B 270 -11.44 2.05 -27.55
C PHE B 270 -10.72 3.06 -28.43
N GLY B 271 -11.25 3.36 -29.62
CA GLY B 271 -10.65 4.39 -30.45
C GLY B 271 -10.71 5.78 -29.83
N GLU B 272 -11.79 6.09 -29.12
CA GLU B 272 -11.92 7.39 -28.48
C GLU B 272 -10.92 7.58 -27.33
N ILE B 273 -10.60 6.48 -26.64
CA ILE B 273 -9.76 6.54 -25.45
C ILE B 273 -8.34 6.97 -25.80
N PHE B 274 -7.77 6.42 -26.87
CA PHE B 274 -6.39 6.78 -27.20
C PHE B 274 -6.28 8.23 -27.65
N GLY B 275 -7.28 8.76 -28.36
CA GLY B 275 -7.26 10.18 -28.69
C GLY B 275 -7.33 11.05 -27.44
N ALA B 276 -8.19 10.67 -26.50
CA ALA B 276 -8.24 11.38 -25.22
C ALA B 276 -6.88 11.35 -24.53
N PHE B 277 -6.21 10.20 -24.56
CA PHE B 277 -4.93 10.07 -23.87
C PHE B 277 -3.83 10.83 -24.59
N LYS B 278 -3.94 10.99 -25.91
CA LYS B 278 -2.98 11.82 -26.63
C LYS B 278 -3.13 13.29 -26.23
N VAL B 279 -4.34 13.82 -26.30
CA VAL B 279 -4.56 15.27 -26.29
C VAL B 279 -4.42 15.83 -24.87
N MET B 280 -4.13 14.96 -23.90
CA MET B 280 -4.16 15.32 -22.49
C MET B 280 -2.93 16.08 -22.02
N LYS B 281 -3.09 16.72 -20.86
CA LYS B 281 -2.09 17.56 -20.20
C LYS B 281 -1.52 16.81 -19.00
N ARG B 282 -0.53 17.43 -18.33
CA ARG B 282 -0.04 16.87 -17.07
C ARG B 282 -1.08 16.88 -15.95
N PRO B 283 -1.81 17.98 -15.69
CA PRO B 283 -2.76 17.97 -14.55
C PRO B 283 -3.75 16.82 -14.61
N MET B 284 -4.23 16.48 -15.80
CA MET B 284 -5.20 15.39 -15.92
C MET B 284 -4.54 14.04 -15.66
N TRP B 285 -3.34 13.83 -16.19
CA TRP B 285 -2.58 12.61 -15.88
C TRP B 285 -2.43 12.43 -14.38
N MET B 286 -2.01 13.48 -13.68
CA MET B 286 -1.78 13.39 -12.24
C MET B 286 -3.08 13.14 -11.49
N LEU B 287 -4.17 13.79 -11.91
CA LEU B 287 -5.46 13.55 -11.27
C LEU B 287 -5.90 12.11 -11.46
N LEU B 288 -5.74 11.56 -12.67
CA LEU B 288 -6.11 10.16 -12.92
C LEU B 288 -5.30 9.22 -12.04
N ILE B 289 -4.00 9.48 -11.89
CA ILE B 289 -3.17 8.63 -11.04
C ILE B 289 -3.65 8.66 -9.60
N VAL B 290 -3.90 9.87 -9.08
CA VAL B 290 -4.34 9.99 -7.69
C VAL B 290 -5.68 9.30 -7.49
N THR B 291 -6.58 9.41 -8.46
CA THR B 291 -7.89 8.77 -8.33
C THR B 291 -7.79 7.25 -8.39
N ALA B 292 -6.91 6.73 -9.26
CA ALA B 292 -6.73 5.28 -9.35
C ALA B 292 -6.22 4.73 -8.03
N LEU B 293 -5.23 5.38 -7.45
CA LEU B 293 -4.79 4.95 -6.11
C LEU B 293 -5.87 5.19 -5.06
N ASN B 294 -6.73 6.20 -5.26
CA ASN B 294 -7.80 6.40 -4.29
C ASN B 294 -8.65 5.14 -4.18
N TRP B 295 -9.09 4.66 -5.32
CA TRP B 295 -10.01 3.55 -5.40
C TRP B 295 -9.32 2.22 -5.20
N ILE B 296 -8.03 2.12 -5.51
CA ILE B 296 -7.32 0.90 -5.17
C ILE B 296 -7.30 0.75 -3.65
N ALA B 297 -7.36 1.89 -2.93
CA ALA B 297 -7.51 1.85 -1.48
C ALA B 297 -8.94 1.53 -1.05
N TRP B 298 -9.95 2.14 -1.70
CA TRP B 298 -11.31 1.98 -1.21
C TRP B 298 -11.87 0.59 -1.48
N PHE B 299 -11.64 0.05 -2.68
CA PHE B 299 -12.39 -1.14 -3.09
C PHE B 299 -12.18 -2.40 -2.24
N PRO B 300 -11.02 -2.66 -1.62
CA PRO B 300 -10.94 -3.84 -0.73
C PRO B 300 -12.01 -3.84 0.36
N PHE B 301 -12.12 -2.75 1.11
CA PHE B 301 -13.14 -2.67 2.15
C PHE B 301 -14.54 -2.71 1.55
N LEU B 302 -14.79 -1.85 0.56
CA LEU B 302 -16.12 -1.76 -0.03
C LEU B 302 -16.58 -3.08 -0.64
N LEU B 303 -15.66 -3.98 -0.97
CA LEU B 303 -16.04 -5.29 -1.52
C LEU B 303 -16.10 -6.40 -0.48
N PHE B 304 -15.24 -6.38 0.55
CA PHE B 304 -15.17 -7.48 1.51
C PHE B 304 -15.61 -7.10 2.92
N ASP B 305 -16.31 -5.98 3.09
CA ASP B 305 -16.67 -5.54 4.43
C ASP B 305 -17.71 -6.45 5.07
N THR B 306 -18.74 -6.84 4.32
CA THR B 306 -19.76 -7.72 4.89
C THR B 306 -19.19 -9.09 5.21
N ASP B 307 -18.23 -9.56 4.40
CA ASP B 307 -17.57 -10.83 4.71
C ASP B 307 -16.69 -10.70 5.95
N TRP B 308 -15.98 -9.58 6.08
CA TRP B 308 -15.21 -9.34 7.30
C TRP B 308 -16.11 -9.35 8.54
N MET B 309 -17.28 -8.71 8.44
CA MET B 309 -18.21 -8.70 9.57
C MET B 309 -18.73 -10.10 9.87
N GLY B 310 -19.06 -10.88 8.83
CA GLY B 310 -19.58 -12.22 9.04
C GLY B 310 -18.55 -13.23 9.47
N ARG B 311 -17.25 -12.96 9.25
CA ARG B 311 -16.20 -13.93 9.52
C ARG B 311 -15.34 -13.51 10.71
N GLU B 312 -14.48 -12.50 10.54
CA GLU B 312 -13.54 -12.13 11.59
C GLU B 312 -14.25 -11.62 12.84
N VAL B 313 -15.36 -10.91 12.67
CA VAL B 313 -15.92 -10.12 13.76
C VAL B 313 -17.00 -10.89 14.52
N PHE B 314 -17.87 -11.59 13.79
CA PHE B 314 -18.94 -12.36 14.41
C PHE B 314 -18.56 -13.81 14.64
N GLY B 315 -17.61 -14.35 13.88
CA GLY B 315 -17.38 -15.77 13.82
C GLY B 315 -18.31 -16.44 12.82
N GLY B 316 -17.98 -17.68 12.50
CA GLY B 316 -18.80 -18.45 11.60
C GLY B 316 -18.37 -18.35 10.15
N ASP B 317 -18.83 -19.33 9.37
CA ASP B 317 -18.46 -19.48 7.98
C ASP B 317 -19.72 -19.75 7.17
N SER B 318 -19.68 -19.41 5.87
CA SER B 318 -20.81 -19.74 5.01
C SER B 318 -21.04 -21.24 4.94
N ASP B 319 -19.99 -22.03 5.09
CA ASP B 319 -20.07 -23.48 5.23
C ASP B 319 -19.75 -23.88 6.67
N GLY B 320 -20.01 -25.14 6.99
CA GLY B 320 -19.87 -25.62 8.34
C GLY B 320 -21.21 -25.77 9.03
N ASN B 321 -21.14 -26.00 10.35
CA ASN B 321 -22.35 -26.31 11.10
C ASN B 321 -23.33 -25.14 11.07
N GLU B 322 -24.58 -25.43 11.42
CA GLU B 322 -25.65 -24.45 11.23
C GLU B 322 -25.49 -23.22 12.11
N ARG B 323 -24.82 -23.37 13.25
CA ARG B 323 -24.66 -22.20 14.12
C ARG B 323 -23.69 -21.20 13.51
N SER B 324 -22.63 -21.69 12.86
CA SER B 324 -21.67 -20.79 12.23
C SER B 324 -22.30 -20.08 11.04
N LYS B 325 -23.18 -20.77 10.30
CA LYS B 325 -23.92 -20.11 9.22
C LYS B 325 -24.86 -19.04 9.76
N LYS B 326 -25.53 -19.33 10.88
CA LYS B 326 -26.39 -18.31 11.49
C LYS B 326 -25.57 -17.09 11.90
N LEU B 327 -24.39 -17.31 12.49
CA LEU B 327 -23.54 -16.20 12.93
C LEU B 327 -23.03 -15.40 11.73
N TYR B 328 -22.74 -16.07 10.61
CA TYR B 328 -22.33 -15.36 9.41
C TYR B 328 -23.45 -14.46 8.90
N SER B 329 -24.67 -14.99 8.83
CA SER B 329 -25.81 -14.17 8.41
C SER B 329 -25.99 -12.95 9.32
N LEU B 330 -25.86 -13.16 10.64
CA LEU B 330 -26.01 -12.04 11.57
C LEU B 330 -24.94 -10.99 11.33
N GLY B 331 -23.70 -11.42 11.10
CA GLY B 331 -22.63 -10.47 10.83
C GLY B 331 -22.88 -9.67 9.56
N VAL B 332 -23.42 -10.32 8.53
CA VAL B 332 -23.71 -9.60 7.28
C VAL B 332 -24.81 -8.56 7.52
N GLN B 333 -25.84 -8.91 8.29
CA GLN B 333 -26.87 -7.93 8.64
C GLN B 333 -26.26 -6.72 9.36
N SER B 334 -25.39 -6.98 10.34
CA SER B 334 -24.76 -5.87 11.05
C SER B 334 -23.90 -5.02 10.12
N GLY B 335 -23.28 -5.64 9.11
CA GLY B 335 -22.54 -4.85 8.14
C GLY B 335 -23.42 -3.96 7.30
N ALA B 336 -24.61 -4.44 6.95
CA ALA B 336 -25.56 -3.58 6.22
C ALA B 336 -25.97 -2.39 7.08
N MET B 337 -26.16 -2.60 8.38
CA MET B 337 -26.48 -1.46 9.25
C MET B 337 -25.31 -0.48 9.33
N GLY B 338 -24.08 -1.00 9.35
CA GLY B 338 -22.91 -0.14 9.26
C GLY B 338 -22.91 0.71 8.01
N LEU B 339 -23.26 0.12 6.87
CA LEU B 339 -23.32 0.88 5.63
C LEU B 339 -24.40 1.96 5.69
N MET B 340 -25.51 1.69 6.38
CA MET B 340 -26.53 2.72 6.58
C MET B 340 -25.95 3.92 7.32
N PHE B 341 -25.32 3.66 8.47
CA PHE B 341 -24.66 4.75 9.21
C PHE B 341 -23.66 5.49 8.32
N ASN B 342 -22.92 4.75 7.50
CA ASN B 342 -21.92 5.36 6.62
C ASN B 342 -22.56 6.33 5.63
N SER B 343 -23.68 5.94 5.02
CA SER B 343 -24.33 6.83 4.06
C SER B 343 -24.90 8.07 4.75
N ILE B 344 -25.42 7.91 5.98
CA ILE B 344 -25.90 9.11 6.70
C ILE B 344 -24.75 10.09 6.91
N VAL B 345 -23.60 9.58 7.36
CA VAL B 345 -22.43 10.44 7.57
C VAL B 345 -21.98 11.05 6.25
N LEU B 346 -22.06 10.27 5.16
CA LEU B 346 -21.73 10.78 3.83
C LEU B 346 -22.58 11.99 3.48
N GLY B 347 -23.90 11.85 3.66
CA GLY B 347 -24.80 12.95 3.34
C GLY B 347 -24.50 14.18 4.17
N PHE B 348 -24.24 14.01 5.46
CA PHE B 348 -23.98 15.18 6.29
C PHE B 348 -22.63 15.84 5.95
N MET B 349 -21.63 15.05 5.57
CA MET B 349 -20.33 15.63 5.22
C MET B 349 -20.36 16.31 3.86
N SER B 350 -21.18 15.81 2.94
CA SER B 350 -21.24 16.39 1.59
C SER B 350 -21.68 17.85 1.62
N LEU B 351 -22.49 18.25 2.60
CA LEU B 351 -22.98 19.62 2.65
C LEU B 351 -21.91 20.63 3.10
N GLY B 352 -20.77 20.18 3.61
CA GLY B 352 -19.74 21.08 4.07
C GLY B 352 -18.39 20.95 3.36
N VAL B 353 -18.31 20.05 2.38
CA VAL B 353 -17.06 19.75 1.68
C VAL B 353 -16.34 21.01 1.22
N GLU B 354 -17.00 21.75 0.35
CA GLU B 354 -16.45 22.92 -0.33
C GLU B 354 -16.04 24.03 0.66
N TRP B 355 -16.86 24.29 1.68
CA TRP B 355 -16.50 25.35 2.62
C TRP B 355 -15.26 24.97 3.41
N ILE B 356 -15.19 23.72 3.89
CA ILE B 356 -14.02 23.25 4.63
C ILE B 356 -12.78 23.30 3.74
N GLY B 357 -12.94 22.89 2.48
CA GLY B 357 -11.81 22.97 1.56
C GLY B 357 -11.31 24.39 1.35
N ARG B 358 -12.23 25.35 1.18
CA ARG B 358 -11.84 26.74 1.00
C ARG B 358 -11.06 27.24 2.19
N LYS B 359 -11.65 27.04 3.38
CA LYS B 359 -11.07 27.42 4.65
C LYS B 359 -9.73 26.77 4.92
N LEU B 360 -9.48 25.55 4.38
CA LEU B 360 -8.16 24.93 4.50
C LEU B 360 -7.18 25.38 3.40
N GLY B 361 -7.65 26.14 2.43
CA GLY B 361 -6.80 26.64 1.38
C GLY B 361 -6.76 25.83 0.09
N GLY B 362 -7.76 24.99 -0.16
CA GLY B 362 -7.82 24.24 -1.40
C GLY B 362 -8.50 22.88 -1.21
N ALA B 363 -9.17 22.44 -2.26
CA ALA B 363 -9.90 21.17 -2.21
C ALA B 363 -8.95 19.98 -2.13
N LYS B 364 -7.84 20.03 -2.88
CA LYS B 364 -6.90 18.92 -2.84
C LYS B 364 -6.25 18.80 -1.47
N ARG B 365 -6.15 19.90 -0.72
CA ARG B 365 -5.69 19.82 0.65
C ARG B 365 -6.61 18.95 1.49
N LEU B 366 -7.92 19.23 1.41
CA LEU B 366 -8.89 18.43 2.16
C LEU B 366 -8.89 16.98 1.70
N TRP B 367 -8.75 16.75 0.39
CA TRP B 367 -8.65 15.40 -0.14
C TRP B 367 -7.50 14.64 0.50
N GLY B 368 -6.29 15.21 0.43
CA GLY B 368 -5.13 14.57 1.02
C GLY B 368 -5.31 14.30 2.49
N ILE B 369 -5.90 15.24 3.21
CA ILE B 369 -6.01 15.07 4.66
C ILE B 369 -7.00 13.98 5.03
N VAL B 370 -8.15 13.92 4.35
CA VAL B 370 -9.11 12.87 4.68
C VAL B 370 -8.61 11.49 4.24
N ASN B 371 -7.67 11.45 3.29
CA ASN B 371 -7.11 10.14 2.93
C ASN B 371 -6.34 9.52 4.09
N PHE B 372 -5.75 10.33 4.96
CA PHE B 372 -5.08 9.77 6.14
C PHE B 372 -6.09 9.28 7.16
N ILE B 373 -7.26 9.91 7.25
CA ILE B 373 -8.35 9.36 8.04
C ILE B 373 -8.73 7.99 7.51
N LEU B 374 -8.82 7.85 6.20
CA LEU B 374 -9.11 6.55 5.60
C LEU B 374 -8.04 5.52 5.97
N ALA B 375 -6.77 5.94 5.94
CA ALA B 375 -5.68 5.02 6.28
C ALA B 375 -5.80 4.53 7.72
N ALA B 376 -5.99 5.46 8.66
CA ALA B 376 -6.12 5.07 10.06
C ALA B 376 -7.35 4.20 10.30
N GLY B 377 -8.46 4.51 9.61
CA GLY B 377 -9.65 3.70 9.77
C GLY B 377 -9.47 2.29 9.24
N LEU B 378 -8.75 2.15 8.13
CA LEU B 378 -8.43 0.81 7.63
C LEU B 378 -7.46 0.10 8.57
N ALA B 379 -6.65 0.85 9.32
CA ALA B 379 -5.76 0.23 10.30
C ALA B 379 -6.50 -0.28 11.53
N MET B 380 -7.56 0.42 11.95
CA MET B 380 -8.32 0.02 13.13
C MET B 380 -8.96 -1.36 13.00
N THR B 381 -9.08 -1.83 11.75
CA THR B 381 -9.69 -3.11 11.45
C THR B 381 -9.05 -4.24 12.25
N VAL B 382 -7.72 -4.22 12.33
CA VAL B 382 -6.95 -5.26 13.02
C VAL B 382 -7.28 -5.27 14.52
N LEU B 383 -7.39 -4.10 15.12
CA LEU B 383 -7.71 -4.03 16.55
C LEU B 383 -9.12 -4.55 16.82
N VAL B 384 -10.08 -4.20 15.96
CA VAL B 384 -11.43 -4.73 16.13
C VAL B 384 -11.41 -6.25 16.08
N THR B 385 -10.70 -6.81 15.10
CA THR B 385 -10.60 -8.27 14.99
C THR B 385 -9.95 -8.88 16.23
N LYS B 386 -8.93 -8.22 16.78
CA LYS B 386 -8.28 -8.74 17.97
C LYS B 386 -9.23 -8.77 19.17
N PHE B 387 -10.05 -7.73 19.32
CA PHE B 387 -11.01 -7.72 20.43
C PHE B 387 -12.04 -8.83 20.27
N ALA B 388 -12.46 -9.09 19.03
CA ALA B 388 -13.40 -10.19 18.82
C ALA B 388 -12.75 -11.53 19.13
N GLU B 389 -11.48 -11.69 18.75
CA GLU B 389 -10.72 -12.88 19.15
C GLU B 389 -10.71 -13.06 20.66
N ASP B 390 -10.47 -11.98 21.42
CA ASP B 390 -10.45 -12.11 22.88
C ASP B 390 -11.80 -12.54 23.42
N HIS B 391 -12.87 -11.96 22.89
CA HIS B 391 -14.20 -12.36 23.37
C HIS B 391 -14.47 -13.83 23.09
N ARG B 392 -14.13 -14.31 21.89
CA ARG B 392 -14.28 -15.74 21.63
C ARG B 392 -13.38 -16.60 22.49
N LYS B 393 -12.26 -16.05 22.98
CA LYS B 393 -11.42 -16.81 23.89
C LYS B 393 -12.13 -17.04 25.20
N THR B 394 -12.77 -15.99 25.73
CA THR B 394 -13.38 -16.11 27.05
C THR B 394 -14.78 -16.72 27.04
N ALA B 395 -15.61 -16.39 26.05
CA ALA B 395 -17.03 -16.75 26.08
C ALA B 395 -17.38 -17.92 25.19
N GLY B 396 -16.48 -18.38 24.33
CA GLY B 396 -16.80 -19.49 23.45
C GLY B 396 -16.69 -19.16 21.98
N ASP B 397 -16.33 -20.15 21.16
CA ASP B 397 -16.10 -19.91 19.74
C ASP B 397 -17.39 -19.53 19.01
N LEU B 398 -18.53 -20.01 19.49
CA LEU B 398 -19.82 -19.77 18.86
C LEU B 398 -20.72 -18.92 19.76
N ALA B 399 -20.13 -17.97 20.50
CA ALA B 399 -20.88 -17.10 21.37
C ALA B 399 -21.28 -15.78 20.71
N GLY B 400 -20.77 -15.49 19.52
CA GLY B 400 -21.03 -14.23 18.88
C GLY B 400 -20.26 -13.10 19.52
N PRO B 401 -20.43 -11.89 19.02
CA PRO B 401 -19.70 -10.74 19.58
C PRO B 401 -20.39 -10.15 20.79
N SER B 402 -19.63 -9.36 21.53
CA SER B 402 -20.17 -8.56 22.62
C SER B 402 -20.66 -7.21 22.08
N ALA B 403 -21.32 -6.45 22.95
CA ALA B 403 -21.84 -5.15 22.54
C ALA B 403 -20.71 -4.18 22.20
N SER B 404 -19.56 -4.31 22.85
CA SER B 404 -18.44 -3.40 22.61
C SER B 404 -17.85 -3.61 21.22
N VAL B 405 -17.64 -4.86 20.83
CA VAL B 405 -17.09 -5.15 19.50
C VAL B 405 -18.04 -4.66 18.42
N LYS B 406 -19.34 -4.87 18.60
CA LYS B 406 -20.35 -4.31 17.70
C LYS B 406 -20.20 -2.80 17.59
N ALA B 407 -20.17 -2.11 18.74
CA ALA B 407 -20.11 -0.66 18.72
C ALA B 407 -18.87 -0.19 17.99
N GLY B 408 -17.75 -0.88 18.19
CA GLY B 408 -16.51 -0.47 17.54
C GLY B 408 -16.55 -0.66 16.03
N ALA B 409 -17.03 -1.81 15.57
CA ALA B 409 -17.14 -2.04 14.13
C ALA B 409 -18.05 -1.00 13.48
N LEU B 410 -19.20 -0.73 14.12
CA LEU B 410 -20.11 0.25 13.54
C LEU B 410 -19.55 1.66 13.60
N SER B 411 -18.72 1.96 14.61
CA SER B 411 -18.05 3.26 14.66
C SER B 411 -17.05 3.40 13.52
N LEU B 412 -16.35 2.30 13.18
CA LEU B 412 -15.46 2.32 12.02
C LEU B 412 -16.24 2.61 10.75
N PHE B 413 -17.35 1.89 10.56
CA PHE B 413 -18.22 2.14 9.42
C PHE B 413 -18.67 3.59 9.35
N ALA B 414 -19.03 4.17 10.50
CA ALA B 414 -19.52 5.55 10.54
C ALA B 414 -18.41 6.53 10.16
N VAL B 415 -17.25 6.43 10.83
CA VAL B 415 -16.18 7.40 10.62
C VAL B 415 -15.71 7.37 9.17
N LEU B 416 -15.69 6.18 8.55
CA LEU B 416 -15.22 6.13 7.17
C LEU B 416 -16.08 6.93 6.20
N GLY B 417 -17.20 7.50 6.66
CA GLY B 417 -18.05 8.31 5.81
C GLY B 417 -17.45 9.67 5.44
N ILE B 418 -16.42 10.11 6.16
CA ILE B 418 -15.81 11.41 5.89
C ILE B 418 -15.03 11.38 4.59
N PRO B 419 -14.05 10.48 4.39
CA PRO B 419 -13.29 10.53 3.12
C PRO B 419 -14.12 10.17 1.90
N LEU B 420 -15.16 9.35 2.05
CA LEU B 420 -15.97 8.95 0.91
C LEU B 420 -16.72 10.15 0.31
N ALA B 421 -17.04 11.14 1.12
CA ALA B 421 -17.73 12.33 0.61
C ALA B 421 -16.83 13.12 -0.33
N ILE B 422 -15.55 13.23 0.01
CA ILE B 422 -14.59 13.86 -0.90
C ILE B 422 -14.40 13.01 -2.14
N THR B 423 -14.21 11.70 -1.97
CA THR B 423 -14.02 10.83 -3.13
C THR B 423 -15.20 10.91 -4.10
N PHE B 424 -16.40 11.13 -3.59
CA PHE B 424 -17.60 11.21 -4.42
C PHE B 424 -17.83 12.59 -5.04
N SER B 425 -16.94 13.55 -4.79
CA SER B 425 -17.18 14.91 -5.28
C SER B 425 -15.96 15.52 -5.95
N THR B 426 -14.87 15.67 -5.18
CA THR B 426 -13.71 16.43 -5.64
C THR B 426 -13.10 15.96 -6.95
N PRO B 427 -12.83 14.65 -7.17
CA PRO B 427 -12.14 14.27 -8.41
C PRO B 427 -12.89 14.65 -9.68
N PHE B 428 -14.22 14.46 -9.71
CA PHE B 428 -15.00 14.82 -10.88
C PHE B 428 -14.98 16.33 -11.10
N ALA B 429 -15.06 17.10 -10.02
CA ALA B 429 -15.00 18.56 -10.14
C ALA B 429 -13.66 19.01 -10.70
N LEU B 430 -12.57 18.40 -10.24
CA LEU B 430 -11.25 18.75 -10.75
C LEU B 430 -11.11 18.38 -12.22
N ALA B 431 -11.60 17.19 -12.61
CA ALA B 431 -11.63 16.83 -14.02
C ALA B 431 -12.38 17.87 -14.84
N SER B 432 -13.54 18.31 -14.34
CA SER B 432 -14.34 19.29 -15.09
C SER B 432 -13.62 20.63 -15.19
N ILE B 433 -12.98 21.08 -14.12
CA ILE B 433 -12.28 22.37 -14.15
C ILE B 433 -11.09 22.29 -15.11
N PHE B 434 -10.31 21.22 -15.04
CA PHE B 434 -9.18 21.05 -15.93
C PHE B 434 -9.61 21.00 -17.39
N SER B 435 -10.70 20.28 -17.67
CA SER B 435 -11.20 20.20 -19.04
C SER B 435 -11.80 21.52 -19.50
N SER B 436 -12.31 22.33 -18.57
CA SER B 436 -12.79 23.66 -18.93
C SER B 436 -11.63 24.57 -19.30
N CYS B 437 -10.51 24.43 -18.59
CA CYS B 437 -9.33 25.24 -18.93
C CYS B 437 -8.71 24.78 -20.24
N SER B 438 -8.65 23.47 -20.48
CA SER B 438 -7.99 22.95 -21.68
C SER B 438 -8.91 22.89 -22.89
N GLY B 439 -10.22 22.72 -22.68
CA GLY B 439 -11.13 22.53 -23.80
C GLY B 439 -11.27 21.10 -24.26
N ALA B 440 -11.12 20.14 -23.35
CA ALA B 440 -11.09 18.73 -23.75
C ALA B 440 -12.48 18.21 -24.11
N GLY B 441 -13.49 18.62 -23.35
CA GLY B 441 -14.81 18.03 -23.48
C GLY B 441 -15.21 17.35 -22.19
N GLN B 442 -16.33 17.76 -21.61
CA GLN B 442 -16.67 17.32 -20.25
C GLN B 442 -17.03 15.83 -20.23
N GLY B 443 -17.87 15.40 -21.16
CA GLY B 443 -18.36 14.03 -21.11
C GLY B 443 -17.25 13.00 -21.22
N LEU B 444 -16.33 13.22 -22.15
CA LEU B 444 -15.25 12.25 -22.35
C LEU B 444 -14.16 12.36 -21.31
N SER B 445 -13.88 13.56 -20.77
CA SER B 445 -12.97 13.65 -19.65
C SER B 445 -13.50 12.86 -18.45
N LEU B 446 -14.80 12.96 -18.18
CA LEU B 446 -15.37 12.19 -17.07
C LEU B 446 -15.41 10.70 -17.41
N GLY B 447 -15.63 10.37 -18.68
CA GLY B 447 -15.60 8.98 -19.09
C GLY B 447 -14.22 8.34 -18.96
N VAL B 448 -13.15 9.12 -19.14
CA VAL B 448 -11.83 8.55 -18.92
C VAL B 448 -11.50 8.50 -17.44
N LEU B 449 -11.94 9.51 -16.68
CA LEU B 449 -11.75 9.47 -15.23
C LEU B 449 -12.42 8.25 -14.61
N ASN B 450 -13.50 7.77 -15.21
CA ASN B 450 -14.16 6.57 -14.69
C ASN B 450 -13.27 5.32 -14.80
N LEU B 451 -12.27 5.33 -15.67
CA LEU B 451 -11.36 4.19 -15.77
C LEU B 451 -10.57 4.00 -14.49
N ALA B 452 -10.13 5.11 -13.88
CA ALA B 452 -9.37 5.07 -12.64
C ALA B 452 -10.20 4.52 -11.48
N ILE B 453 -11.46 4.21 -11.74
CA ILE B 453 -12.33 3.55 -10.78
C ILE B 453 -12.60 2.11 -11.19
N VAL B 454 -12.96 1.88 -12.45
CA VAL B 454 -13.37 0.54 -12.85
C VAL B 454 -12.19 -0.41 -13.10
N ILE B 455 -10.98 0.10 -13.31
CA ILE B 455 -9.82 -0.78 -13.46
C ILE B 455 -9.39 -1.28 -12.08
N PRO B 456 -9.26 -0.40 -11.06
CA PRO B 456 -9.07 -0.93 -9.70
C PRO B 456 -10.17 -1.87 -9.27
N GLN B 457 -11.40 -1.71 -9.78
CA GLN B 457 -12.49 -2.60 -9.39
C GLN B 457 -12.21 -4.03 -9.82
N MET B 458 -11.84 -4.23 -11.10
CA MET B 458 -11.53 -5.56 -11.57
C MET B 458 -10.26 -6.09 -10.93
N ILE B 459 -9.26 -5.22 -10.74
CA ILE B 459 -8.02 -5.63 -10.08
C ILE B 459 -8.31 -6.21 -8.70
N VAL B 460 -9.08 -5.47 -7.89
CA VAL B 460 -9.32 -5.90 -6.52
C VAL B 460 -10.23 -7.11 -6.49
N SER B 461 -11.27 -7.13 -7.33
CA SER B 461 -12.21 -8.25 -7.29
C SER B 461 -11.55 -9.55 -7.73
N LEU B 462 -10.62 -9.48 -8.70
CA LEU B 462 -9.97 -10.69 -9.18
C LEU B 462 -8.71 -11.05 -8.39
N GLY B 463 -8.13 -10.11 -7.64
CA GLY B 463 -6.92 -10.42 -6.92
C GLY B 463 -6.99 -10.40 -5.40
N GLY B 464 -8.15 -10.06 -4.82
CA GLY B 464 -8.27 -10.00 -3.38
C GLY B 464 -8.04 -11.33 -2.71
N GLY B 465 -8.81 -12.35 -3.10
CA GLY B 465 -8.67 -13.69 -2.58
C GLY B 465 -7.27 -14.24 -2.65
N PRO B 466 -6.68 -14.28 -3.86
CA PRO B 466 -5.30 -14.80 -3.97
C PRO B 466 -4.30 -14.00 -3.17
N PHE B 467 -4.45 -12.68 -3.11
CA PHE B 467 -3.55 -11.84 -2.35
C PHE B 467 -3.66 -12.13 -0.85
N ASP B 468 -4.88 -12.26 -0.35
CA ASP B 468 -5.09 -12.63 1.05
C ASP B 468 -4.47 -13.99 1.35
N ALA B 469 -4.70 -14.97 0.46
CA ALA B 469 -4.15 -16.30 0.68
C ALA B 469 -2.63 -16.29 0.71
N LEU B 470 -2.02 -15.49 -0.18
CA LEU B 470 -0.56 -15.37 -0.20
C LEU B 470 -0.02 -14.92 1.16
N PHE B 471 -0.75 -14.06 1.85
CA PHE B 471 -0.30 -13.46 3.11
C PHE B 471 -1.03 -14.01 4.33
N GLY B 472 -1.47 -15.28 4.28
CA GLY B 472 -1.95 -16.01 5.44
C GLY B 472 -3.38 -16.50 5.36
N GLY B 473 -4.24 -15.78 4.64
CA GLY B 473 -5.60 -16.24 4.40
C GLY B 473 -6.71 -15.43 5.02
N GLY B 474 -6.41 -14.43 5.84
CA GLY B 474 -7.44 -13.64 6.49
C GLY B 474 -8.04 -12.61 5.53
N ASN B 475 -8.74 -11.64 6.13
CA ASN B 475 -9.26 -10.52 5.37
C ASN B 475 -8.37 -9.29 5.47
N LEU B 476 -7.46 -9.27 6.45
CA LEU B 476 -6.68 -8.11 6.88
C LEU B 476 -5.55 -7.68 5.94
N PRO B 477 -4.82 -8.60 5.29
CA PRO B 477 -3.73 -8.13 4.40
C PRO B 477 -4.19 -7.17 3.31
N ALA B 478 -5.36 -7.43 2.72
CA ALA B 478 -5.91 -6.48 1.75
C ALA B 478 -6.18 -5.14 2.41
N PHE B 479 -6.60 -5.15 3.67
CA PHE B 479 -6.90 -3.89 4.35
C PHE B 479 -5.62 -3.10 4.66
N ILE B 480 -4.53 -3.80 5.01
CA ILE B 480 -3.29 -3.07 5.28
C ILE B 480 -2.71 -2.51 3.99
N VAL B 481 -2.77 -3.26 2.89
CA VAL B 481 -2.27 -2.72 1.63
C VAL B 481 -3.14 -1.55 1.18
N ALA B 482 -4.45 -1.62 1.43
CA ALA B 482 -5.32 -0.49 1.10
C ALA B 482 -5.03 0.73 1.95
N ALA B 483 -4.66 0.52 3.22
CA ALA B 483 -4.27 1.65 4.07
C ALA B 483 -3.01 2.33 3.54
N ILE B 484 -2.02 1.53 3.14
CA ILE B 484 -0.80 2.10 2.56
C ILE B 484 -1.14 2.89 1.29
N ALA B 485 -2.01 2.32 0.46
CA ALA B 485 -2.41 3.00 -0.78
C ALA B 485 -3.13 4.32 -0.49
N ALA B 486 -3.95 4.35 0.57
CA ALA B 486 -4.65 5.58 0.90
C ALA B 486 -3.69 6.66 1.39
N ALA B 487 -2.72 6.28 2.21
CA ALA B 487 -1.73 7.27 2.67
C ALA B 487 -0.91 7.80 1.49
N ILE B 488 -0.56 6.92 0.55
CA ILE B 488 0.19 7.36 -0.62
C ILE B 488 -0.66 8.28 -1.49
N SER B 489 -1.96 7.99 -1.60
CA SER B 489 -2.87 8.89 -2.31
C SER B 489 -2.91 10.26 -1.67
N GLY B 490 -2.97 10.30 -0.34
CA GLY B 490 -2.94 11.60 0.34
C GLY B 490 -1.68 12.38 0.03
N VAL B 491 -0.53 11.70 0.11
CA VAL B 491 0.75 12.36 -0.18
C VAL B 491 0.74 12.92 -1.60
N LEU B 492 0.30 12.13 -2.57
CA LEU B 492 0.34 12.56 -3.96
C LEU B 492 -0.64 13.68 -4.23
N ALA B 493 -1.83 13.62 -3.64
CA ALA B 493 -2.80 14.71 -3.81
C ALA B 493 -2.27 16.01 -3.19
N LEU B 494 -1.47 15.91 -2.13
CA LEU B 494 -0.96 17.12 -1.51
C LEU B 494 0.29 17.67 -2.20
N THR B 495 1.06 16.85 -2.91
CA THR B 495 2.33 17.31 -3.47
C THR B 495 2.34 17.38 -4.99
N VAL B 496 2.05 16.27 -5.69
CA VAL B 496 2.26 16.24 -7.13
C VAL B 496 1.05 16.80 -7.90
N LEU B 497 -0.14 16.72 -7.34
CA LEU B 497 -1.34 17.17 -8.07
C LEU B 497 -1.30 18.68 -8.25
N PRO B 498 -1.41 19.19 -9.47
CA PRO B 498 -1.40 20.64 -9.68
C PRO B 498 -2.71 21.28 -9.25
N SER B 499 -2.62 22.51 -8.75
CA SER B 499 -3.80 23.24 -8.34
C SER B 499 -4.49 23.88 -9.55
N PRO B 500 -5.80 24.10 -9.46
CA PRO B 500 -6.54 24.67 -10.60
C PRO B 500 -6.18 26.13 -10.81
N PRO B 501 -6.49 26.70 -12.00
CA PRO B 501 -6.15 28.09 -12.31
C PRO B 501 -6.95 29.12 -11.52
#